data_8C3R
#
_entry.id   8C3R
#
_cell.length_a   132.126
_cell.length_b   132.126
_cell.length_c   90.485
_cell.angle_alpha   90.00
_cell.angle_beta   90.00
_cell.angle_gamma   120.00
#
_symmetry.space_group_name_H-M   'P 63'
#
loop_
_entity.id
_entity.type
_entity.pdbx_description
1 polymer 'Dual specificity tyrosine-phosphorylation-regulated kinase 1A'
2 non-polymer Gossypin
3 non-polymer 'ACETATE ION'
4 water water
#
_entity_poly.entity_id   1
_entity_poly.type   'polypeptide(L)'
_entity_poly.pdbx_seq_one_letter_code
;DSSHKKERKVYNDGYDDDNYDYIVKNGEKWMDRYEIDSLIGKGSFGQVVKAYDRVEQEWVAIKIIKNKKAFLNQAQIEVR
LLELMNKHDTEMKYYIVHLKRHFMFRNHLCLVFEMLSYNLYDLLRNTNFRGVSLNLTRKFAQQMCTALLFLATPELSIIH
CDLKPENILLCNPKRSAIKIVDFGSSCQLGQRIYQ(PTR)IQSRFYRSPEVLLGMPYDLAIDMWSLGCILVEMHTGEPLF
SGANEVDQMNKIVEVLGIPPAHILDQAPKARKFFEKLPDGTWNLKKTKDGKREYKPPGTRKLHNILGVETGGPGGRRAGE
SGHTVADYLKFKDLILRMLDYDPKTRIQPYYALQHSFFKKTADEGTNTHHHHHH
;
_entity_poly.pdbx_strand_id   A,B
#
# COMPACT_ATOMS: atom_id res chain seq x y z
N VAL A 10 22.98 -30.40 -22.33
CA VAL A 10 23.15 -29.06 -22.87
C VAL A 10 23.85 -28.17 -21.84
N TYR A 11 23.44 -28.28 -20.58
CA TYR A 11 23.99 -27.48 -19.49
C TYR A 11 24.47 -28.41 -18.39
N ASN A 12 25.76 -28.31 -18.05
CA ASN A 12 26.35 -29.08 -16.94
C ASN A 12 26.06 -30.58 -17.10
N ASP A 13 26.37 -31.11 -18.28
CA ASP A 13 26.15 -32.52 -18.60
C ASP A 13 24.69 -32.93 -18.41
N GLY A 14 23.77 -31.99 -18.61
CA GLY A 14 22.36 -32.26 -18.47
C GLY A 14 21.80 -32.10 -17.06
N TYR A 15 22.62 -31.73 -16.09
CA TYR A 15 22.16 -31.62 -14.71
C TYR A 15 21.62 -30.23 -14.37
N ASP A 16 21.87 -29.23 -15.21
CA ASP A 16 21.41 -27.87 -14.97
C ASP A 16 20.38 -27.46 -16.02
N ASP A 17 19.51 -26.53 -15.65
CA ASP A 17 18.60 -25.92 -16.61
C ASP A 17 19.30 -24.72 -17.26
N ASP A 18 18.56 -23.88 -17.97
CA ASP A 18 19.16 -22.75 -18.65
C ASP A 18 19.40 -21.56 -17.73
N ASN A 19 19.12 -21.68 -16.44
CA ASN A 19 19.31 -20.58 -15.48
C ASN A 19 20.32 -20.96 -14.39
N TYR A 20 21.23 -21.88 -14.71
CA TYR A 20 22.31 -22.29 -13.82
C TYR A 20 21.81 -23.03 -12.58
N ASP A 21 20.54 -23.45 -12.58
CA ASP A 21 19.97 -24.16 -11.45
C ASP A 21 20.03 -25.67 -11.67
N TYR A 22 20.29 -26.40 -10.59
CA TYR A 22 20.28 -27.85 -10.65
C TYR A 22 18.84 -28.34 -10.81
N ILE A 23 18.62 -29.18 -11.81
CA ILE A 23 17.29 -29.74 -12.05
C ILE A 23 16.97 -30.72 -10.93
N VAL A 24 16.11 -30.31 -10.01
CA VAL A 24 15.78 -31.12 -8.83
C VAL A 24 14.86 -32.26 -9.24
N LYS A 25 15.24 -33.48 -8.86
CA LYS A 25 14.41 -34.66 -9.10
C LYS A 25 14.19 -35.36 -7.77
N ASN A 26 12.93 -35.43 -7.34
CA ASN A 26 12.61 -35.99 -6.04
C ASN A 26 12.99 -37.46 -5.96
N GLY A 27 13.68 -37.82 -4.87
CA GLY A 27 14.10 -39.19 -4.65
C GLY A 27 15.54 -39.48 -4.98
N GLU A 28 16.23 -38.55 -5.64
CA GLU A 28 17.63 -38.79 -6.02
C GLU A 28 18.51 -38.90 -4.79
N LYS A 29 19.49 -39.80 -4.85
CA LYS A 29 20.42 -40.03 -3.75
C LYS A 29 21.76 -39.39 -4.06
N TRP A 30 22.28 -38.61 -3.12
CA TRP A 30 23.57 -37.94 -3.25
C TRP A 30 24.58 -38.57 -2.31
N MET A 31 25.74 -38.96 -2.86
CA MET A 31 26.89 -39.38 -2.06
C MET A 31 26.54 -40.50 -1.08
N ASP A 32 25.56 -41.33 -1.45
CA ASP A 32 25.10 -42.43 -0.60
C ASP A 32 24.72 -41.93 0.80
N ARG A 33 24.13 -40.73 0.84
CA ARG A 33 23.81 -40.12 2.13
C ARG A 33 22.49 -39.36 2.09
N TYR A 34 22.36 -38.43 1.15
CA TYR A 34 21.22 -37.52 1.11
C TYR A 34 20.19 -38.01 0.10
N GLU A 35 18.96 -38.16 0.57
CA GLU A 35 17.83 -38.49 -0.29
C GLU A 35 17.01 -37.22 -0.49
N ILE A 36 17.09 -36.64 -1.69
CA ILE A 36 16.34 -35.43 -1.97
C ILE A 36 14.85 -35.73 -1.93
N ASP A 37 14.10 -34.92 -1.20
CA ASP A 37 12.66 -35.15 -1.01
C ASP A 37 11.79 -34.23 -1.86
N SER A 38 12.00 -32.92 -1.79
CA SER A 38 11.12 -31.99 -2.48
C SER A 38 11.79 -30.63 -2.56
N LEU A 39 11.26 -29.80 -3.48
CA LEU A 39 11.68 -28.42 -3.59
C LEU A 39 10.99 -27.58 -2.53
N ILE A 40 11.77 -26.83 -1.76
CA ILE A 40 11.24 -25.97 -0.71
C ILE A 40 10.96 -24.57 -1.22
N GLY A 41 11.92 -24.04 -1.96
CA GLY A 41 11.80 -22.72 -2.50
C GLY A 41 12.88 -22.39 -3.47
N LYS A 42 12.74 -21.24 -4.10
CA LYS A 42 13.69 -20.80 -5.07
C LYS A 42 13.95 -19.32 -4.88
N GLY A 43 15.17 -18.91 -5.08
CA GLY A 43 15.51 -17.52 -4.99
C GLY A 43 16.54 -17.15 -6.01
N SER A 44 17.02 -15.92 -5.94
CA SER A 44 18.03 -15.46 -6.87
C SER A 44 19.35 -16.22 -6.72
N PHE A 45 19.62 -16.78 -5.54
CA PHE A 45 20.85 -17.53 -5.29
C PHE A 45 20.80 -18.92 -5.92
N GLY A 46 19.62 -19.48 -6.11
CA GLY A 46 19.46 -20.86 -6.52
C GLY A 46 18.19 -21.47 -5.95
N GLN A 47 18.31 -22.63 -5.33
CA GLN A 47 17.13 -23.32 -4.82
C GLN A 47 17.36 -23.86 -3.44
N VAL A 48 16.32 -24.23 -2.74
CA VAL A 48 16.36 -24.88 -1.44
C VAL A 48 15.48 -26.12 -1.51
N VAL A 49 16.02 -27.27 -1.09
CA VAL A 49 15.30 -28.53 -1.13
C VAL A 49 15.26 -29.13 0.26
N LYS A 50 14.21 -29.91 0.51
CA LYS A 50 14.12 -30.76 1.69
C LYS A 50 14.74 -32.11 1.38
N ALA A 51 15.58 -32.61 2.28
CA ALA A 51 16.27 -33.87 2.04
C ALA A 51 16.42 -34.62 3.34
N TYR A 52 16.56 -35.95 3.23
CA TYR A 52 16.78 -36.81 4.38
C TYR A 52 18.25 -37.22 4.41
N ASP A 53 18.92 -36.91 5.51
CA ASP A 53 20.28 -37.37 5.76
C ASP A 53 20.21 -38.80 6.30
N ARG A 54 20.56 -39.77 5.45
CA ARG A 54 20.45 -41.17 5.85
C ARG A 54 21.52 -41.56 6.87
N VAL A 55 22.66 -40.89 6.85
CA VAL A 55 23.74 -41.24 7.77
C VAL A 55 23.40 -40.81 9.19
N GLU A 56 22.94 -39.57 9.37
CA GLU A 56 22.57 -39.08 10.68
C GLU A 56 21.11 -39.31 11.01
N GLN A 57 20.33 -39.85 10.08
CA GLN A 57 18.92 -40.15 10.29
C GLN A 57 18.10 -38.93 10.72
N GLU A 58 18.15 -37.88 9.93
CA GLU A 58 17.41 -36.67 10.23
C GLU A 58 17.16 -35.89 8.95
N TRP A 59 16.11 -35.07 8.99
CA TRP A 59 15.77 -34.20 7.87
C TRP A 59 16.67 -32.98 7.85
N VAL A 60 17.01 -32.52 6.64
CA VAL A 60 17.84 -31.35 6.46
C VAL A 60 17.31 -30.54 5.28
N ALA A 61 17.67 -29.26 5.28
CA ALA A 61 17.42 -28.38 4.15
C ALA A 61 18.74 -28.12 3.44
N ILE A 62 18.74 -28.22 2.12
CA ILE A 62 19.95 -28.07 1.32
C ILE A 62 19.75 -26.90 0.38
N LYS A 63 20.58 -25.87 0.54
CA LYS A 63 20.62 -24.72 -0.35
C LYS A 63 21.52 -25.06 -1.54
N ILE A 64 20.95 -25.17 -2.72
CA ILE A 64 21.70 -25.51 -3.93
C ILE A 64 21.98 -24.21 -4.66
N ILE A 65 23.22 -23.72 -4.55
CA ILE A 65 23.61 -22.47 -5.18
C ILE A 65 23.73 -22.67 -6.69
N LYS A 66 23.38 -21.61 -7.44
CA LYS A 66 23.50 -21.64 -8.90
C LYS A 66 24.93 -21.95 -9.32
N ASN A 67 25.05 -22.67 -10.43
CA ASN A 67 26.34 -22.99 -11.03
C ASN A 67 26.80 -21.78 -11.86
N LYS A 68 27.15 -20.72 -11.14
CA LYS A 68 27.61 -19.48 -11.77
C LYS A 68 28.58 -18.83 -10.79
N LYS A 69 29.65 -18.23 -11.28
CA LYS A 69 30.75 -17.80 -10.42
C LYS A 69 30.31 -16.74 -9.42
N ALA A 70 29.52 -15.76 -9.85
CA ALA A 70 29.12 -14.68 -8.96
C ALA A 70 28.29 -15.21 -7.79
N PHE A 71 27.42 -16.18 -8.05
CA PHE A 71 26.63 -16.78 -6.98
C PHE A 71 27.45 -17.73 -6.14
N LEU A 72 28.38 -18.46 -6.75
CA LEU A 72 29.29 -19.31 -5.98
C LEU A 72 30.15 -18.49 -5.04
N ASN A 73 30.63 -17.34 -5.48
CA ASN A 73 31.50 -16.55 -4.65
C ASN A 73 30.76 -15.93 -3.48
N GLN A 74 29.54 -15.48 -3.71
CA GLN A 74 28.76 -14.93 -2.61
C GLN A 74 28.42 -16.01 -1.59
N ALA A 75 28.11 -17.21 -2.06
CA ALA A 75 27.81 -18.31 -1.14
C ALA A 75 29.06 -18.74 -0.37
N GLN A 76 30.24 -18.54 -0.95
CA GLN A 76 31.47 -18.82 -0.22
C GLN A 76 31.65 -17.84 0.93
N ILE A 77 31.24 -16.58 0.76
CA ILE A 77 31.19 -15.64 1.88
C ILE A 77 30.17 -16.10 2.90
N GLU A 78 29.00 -16.54 2.44
CA GLU A 78 27.97 -17.04 3.34
C GLU A 78 28.47 -18.21 4.17
N VAL A 79 29.22 -19.13 3.56
CA VAL A 79 29.76 -20.26 4.30
C VAL A 79 30.77 -19.78 5.33
N ARG A 80 31.66 -18.86 4.95
CA ARG A 80 32.65 -18.35 5.90
C ARG A 80 31.99 -17.67 7.08
N LEU A 81 30.94 -16.89 6.84
CA LEU A 81 30.22 -16.24 7.93
C LEU A 81 29.55 -17.25 8.84
N LEU A 82 29.01 -18.31 8.25
CA LEU A 82 28.30 -19.36 9.03
C LEU A 82 29.33 -20.11 9.86
N GLU A 83 30.51 -20.38 9.29
CA GLU A 83 31.57 -21.07 10.02
C GLU A 83 32.12 -20.20 11.14
N LEU A 84 32.24 -18.90 10.91
CA LEU A 84 32.65 -17.99 11.97
C LEU A 84 31.69 -18.02 13.14
N MET A 85 30.40 -18.08 12.84
CA MET A 85 29.35 -18.16 13.87
C MET A 85 29.41 -19.54 14.55
N ASN A 86 29.96 -20.55 13.88
CA ASN A 86 30.08 -21.88 14.48
C ASN A 86 31.21 -21.94 15.50
N LYS A 87 32.28 -21.18 15.29
CA LYS A 87 33.36 -21.13 16.27
C LYS A 87 32.92 -20.48 17.58
N HIS A 88 31.80 -19.76 17.54
CA HIS A 88 31.25 -19.12 18.72
C HIS A 88 30.01 -19.88 19.12
N ASP A 89 29.48 -20.65 18.18
CA ASP A 89 28.23 -21.37 18.42
C ASP A 89 28.32 -22.26 19.62
N THR A 90 27.15 -22.67 20.11
CA THR A 90 27.12 -23.50 21.31
C THR A 90 27.77 -22.77 22.48
N GLU A 91 28.12 -21.51 22.28
CA GLU A 91 28.78 -20.75 23.33
C GLU A 91 28.27 -19.32 23.34
N MET A 92 27.21 -19.08 22.57
CA MET A 92 26.64 -17.74 22.50
C MET A 92 25.18 -17.78 22.08
N LYS A 93 24.54 -16.63 22.01
CA LYS A 93 23.14 -16.57 21.63
C LYS A 93 22.86 -17.40 20.39
N TYR A 94 21.77 -18.16 20.41
CA TYR A 94 21.47 -19.01 19.28
C TYR A 94 20.43 -18.25 18.49
N TYR A 95 19.34 -18.92 18.14
CA TYR A 95 18.29 -18.29 17.34
C TYR A 95 18.78 -17.99 15.93
N ILE A 96 19.79 -18.70 15.49
CA ILE A 96 20.33 -18.61 14.14
C ILE A 96 20.32 -20.01 13.56
N VAL A 97 19.88 -20.16 12.32
CA VAL A 97 19.83 -21.49 11.64
C VAL A 97 21.27 -21.97 11.55
N HIS A 98 21.52 -23.21 11.92
CA HIS A 98 22.85 -23.77 12.01
C HIS A 98 23.24 -24.42 10.69
N LEU A 99 24.40 -24.04 10.16
CA LEU A 99 24.96 -24.72 9.00
C LEU A 99 25.56 -26.04 9.45
N LYS A 100 25.02 -27.14 8.93
CA LYS A 100 25.50 -28.46 9.30
C LYS A 100 26.64 -28.95 8.41
N ARG A 101 26.66 -28.54 7.14
CA ARG A 101 27.68 -29.01 6.20
C ARG A 101 27.61 -28.15 4.95
N HIS A 102 28.74 -28.08 4.25
CA HIS A 102 28.80 -27.52 2.91
C HIS A 102 29.70 -28.42 2.06
N PHE A 103 29.34 -28.57 0.79
CA PHE A 103 30.14 -29.36 -0.13
C PHE A 103 29.79 -28.98 -1.57
N MET A 104 30.68 -29.33 -2.48
CA MET A 104 30.43 -29.18 -3.91
C MET A 104 29.80 -30.46 -4.44
N PHE A 105 28.72 -30.32 -5.21
CA PHE A 105 28.06 -31.47 -5.83
C PHE A 105 27.70 -31.09 -7.26
N ARG A 106 28.37 -31.72 -8.23
CA ARG A 106 28.09 -31.52 -9.65
C ARG A 106 28.12 -30.04 -10.01
N ASN A 107 29.20 -29.37 -9.58
CA ASN A 107 29.45 -27.96 -9.88
C ASN A 107 28.43 -27.05 -9.23
N HIS A 108 27.84 -27.48 -8.11
CA HIS A 108 26.95 -26.65 -7.30
C HIS A 108 27.45 -26.66 -5.87
N LEU A 109 27.60 -25.47 -5.29
CA LEU A 109 27.89 -25.37 -3.87
C LEU A 109 26.61 -25.60 -3.08
N CYS A 110 26.63 -26.56 -2.16
CA CYS A 110 25.45 -26.95 -1.41
C CYS A 110 25.67 -26.66 0.07
N LEU A 111 24.67 -26.05 0.70
CA LEU A 111 24.72 -25.69 2.12
C LEU A 111 23.62 -26.46 2.84
N VAL A 112 24.02 -27.31 3.79
CA VAL A 112 23.09 -28.15 4.54
C VAL A 112 22.76 -27.46 5.85
N PHE A 113 21.47 -27.30 6.12
CA PHE A 113 20.99 -26.69 7.35
C PHE A 113 20.04 -27.63 8.06
N GLU A 114 19.79 -27.34 9.34
CA GLU A 114 18.75 -28.05 10.07
C GLU A 114 17.39 -27.76 9.45
N MET A 115 16.53 -28.77 9.39
CA MET A 115 15.21 -28.64 8.82
C MET A 115 14.23 -28.14 9.89
N LEU A 116 13.68 -26.95 9.66
CA LEU A 116 12.74 -26.33 10.57
C LEU A 116 11.34 -26.29 9.94
N SER A 117 10.42 -25.58 10.58
CA SER A 117 9.06 -25.44 10.08
C SER A 117 8.96 -24.22 9.17
N TYR A 118 7.76 -23.65 9.03
CA TYR A 118 7.58 -22.57 8.09
C TYR A 118 7.96 -21.23 8.71
N ASN A 119 7.91 -20.17 7.90
CA ASN A 119 8.40 -18.87 8.31
C ASN A 119 7.29 -18.05 8.95
N LEU A 120 7.65 -16.84 9.40
CA LEU A 120 6.69 -16.00 10.14
C LEU A 120 5.64 -15.39 9.23
N TYR A 121 5.91 -15.25 7.93
CA TYR A 121 4.86 -14.79 7.03
C TYR A 121 3.81 -15.87 6.81
N ASP A 122 4.24 -17.14 6.68
CA ASP A 122 3.28 -18.24 6.62
C ASP A 122 2.41 -18.28 7.85
N LEU A 123 2.99 -18.01 9.03
CA LEU A 123 2.21 -17.92 10.25
C LEU A 123 1.16 -16.81 10.15
N LEU A 124 1.56 -15.65 9.65
CA LEU A 124 0.61 -14.55 9.46
C LEU A 124 -0.51 -14.96 8.50
N ARG A 125 -0.16 -15.64 7.41
CA ARG A 125 -1.18 -16.08 6.45
C ARG A 125 -2.14 -17.09 7.08
N ASN A 126 -1.64 -17.93 7.99
CA ASN A 126 -2.51 -18.90 8.66
C ASN A 126 -3.58 -18.22 9.48
N THR A 127 -3.29 -17.04 10.04
CA THR A 127 -4.26 -16.26 10.80
C THR A 127 -5.10 -15.36 9.90
N ASN A 128 -4.99 -15.51 8.58
CA ASN A 128 -5.63 -14.60 7.61
C ASN A 128 -5.23 -13.16 7.88
N PHE A 129 -3.99 -12.97 8.31
CA PHE A 129 -3.39 -11.64 8.51
C PHE A 129 -4.13 -10.83 9.55
N ARG A 130 -4.73 -11.50 10.53
CA ARG A 130 -5.23 -10.82 11.72
C ARG A 130 -4.14 -10.49 12.71
N GLY A 131 -2.94 -11.05 12.53
CA GLY A 131 -1.84 -10.85 13.44
C GLY A 131 -1.87 -11.82 14.61
N VAL A 132 -0.70 -12.01 15.21
CA VAL A 132 -0.55 -12.84 16.38
C VAL A 132 -0.60 -11.95 17.62
N SER A 133 -0.81 -12.56 18.78
CA SER A 133 -0.94 -11.82 20.02
C SER A 133 0.35 -11.07 20.36
N LEU A 134 0.22 -10.04 21.20
CA LEU A 134 1.38 -9.30 21.68
C LEU A 134 2.26 -10.16 22.58
N ASN A 135 1.70 -11.18 23.22
CA ASN A 135 2.50 -12.08 24.04
C ASN A 135 3.43 -12.93 23.17
N LEU A 136 2.93 -13.39 22.03
CA LEU A 136 3.78 -14.14 21.11
C LEU A 136 4.76 -13.21 20.40
N THR A 137 4.32 -11.99 20.07
CA THR A 137 5.23 -11.00 19.49
C THR A 137 6.36 -10.69 20.46
N ARG A 138 6.06 -10.62 21.76
CA ARG A 138 7.10 -10.39 22.76
C ARG A 138 8.12 -11.52 22.77
N LYS A 139 7.67 -12.75 22.68
CA LYS A 139 8.59 -13.86 22.61
C LYS A 139 9.45 -13.82 21.37
N PHE A 140 8.86 -13.55 20.23
CA PHE A 140 9.64 -13.41 19.01
C PHE A 140 10.66 -12.28 19.13
N ALA A 141 10.23 -11.14 19.70
CA ALA A 141 11.13 -10.01 19.84
C ALA A 141 12.32 -10.34 20.74
N GLN A 142 12.07 -11.06 21.84
CA GLN A 142 13.14 -11.39 22.77
C GLN A 142 14.18 -12.30 22.11
N GLN A 143 13.72 -13.29 21.34
CA GLN A 143 14.65 -14.21 20.68
C GLN A 143 15.44 -13.50 19.57
N MET A 144 14.79 -12.60 18.84
CA MET A 144 15.48 -11.91 17.75
C MET A 144 16.48 -10.88 18.27
N CYS A 145 16.15 -10.19 19.35
CA CYS A 145 17.11 -9.29 19.98
C CYS A 145 18.30 -10.07 20.51
N THR A 146 18.07 -11.28 21.02
CA THR A 146 19.18 -12.12 21.47
C THR A 146 20.03 -12.58 20.28
N ALA A 147 19.39 -12.89 19.16
CA ALA A 147 20.14 -13.28 17.97
C ALA A 147 20.93 -12.11 17.42
N LEU A 148 20.33 -10.91 17.41
CA LEU A 148 21.07 -9.73 16.97
C LEU A 148 22.23 -9.41 17.90
N LEU A 149 22.06 -9.67 19.20
CA LEU A 149 23.17 -9.48 20.13
C LEU A 149 24.32 -10.42 19.81
N PHE A 150 24.00 -11.65 19.37
CA PHE A 150 25.04 -12.59 18.97
C PHE A 150 25.80 -12.08 17.76
N LEU A 151 25.08 -11.58 16.75
CA LEU A 151 25.73 -11.03 15.56
C LEU A 151 26.59 -9.82 15.90
N ALA A 152 26.22 -9.08 16.96
CA ALA A 152 26.95 -7.90 17.36
C ALA A 152 28.22 -8.21 18.13
N THR A 153 28.52 -9.49 18.36
CA THR A 153 29.78 -9.86 18.99
C THR A 153 30.94 -9.27 18.18
N PRO A 154 31.91 -8.61 18.83
CA PRO A 154 32.97 -7.92 18.08
C PRO A 154 33.67 -8.78 17.04
N GLU A 155 34.05 -10.01 17.39
CA GLU A 155 34.70 -10.88 16.43
C GLU A 155 33.80 -11.24 15.25
N LEU A 156 32.48 -11.15 15.43
CA LEU A 156 31.54 -11.43 14.34
C LEU A 156 31.21 -10.14 13.59
N SER A 157 30.47 -9.24 14.24
CA SER A 157 30.04 -7.98 13.63
C SER A 157 29.35 -8.25 12.29
N ILE A 158 28.41 -9.18 12.31
CA ILE A 158 27.74 -9.64 11.10
C ILE A 158 26.43 -8.88 10.92
N ILE A 159 26.26 -8.29 9.74
CA ILE A 159 25.01 -7.66 9.34
C ILE A 159 24.24 -8.65 8.47
N HIS A 160 23.03 -9.01 8.90
CA HIS A 160 22.26 -10.00 8.16
C HIS A 160 21.87 -9.47 6.78
N CYS A 161 21.37 -8.24 6.73
CA CYS A 161 21.09 -7.44 5.53
C CYS A 161 19.78 -7.85 4.83
N ASP A 162 19.02 -8.81 5.36
CA ASP A 162 17.74 -9.16 4.76
C ASP A 162 16.79 -9.74 5.77
N LEU A 163 16.66 -9.09 6.93
CA LEU A 163 15.71 -9.53 7.93
C LEU A 163 14.29 -9.22 7.48
N LYS A 164 13.43 -10.24 7.50
CA LYS A 164 12.03 -10.13 7.11
C LYS A 164 11.30 -11.34 7.66
N PRO A 165 9.96 -11.31 7.71
CA PRO A 165 9.23 -12.46 8.24
C PRO A 165 9.56 -13.77 7.55
N GLU A 166 9.82 -13.74 6.25
CA GLU A 166 10.16 -14.97 5.53
C GLU A 166 11.51 -15.55 5.97
N ASN A 167 12.41 -14.73 6.49
CA ASN A 167 13.72 -15.20 6.93
C ASN A 167 13.78 -15.49 8.43
N ILE A 168 12.63 -15.62 9.07
CA ILE A 168 12.54 -16.07 10.45
C ILE A 168 11.66 -17.32 10.46
N LEU A 169 12.24 -18.44 10.87
CA LEU A 169 11.59 -19.74 10.77
C LEU A 169 11.16 -20.23 12.14
N LEU A 170 10.02 -20.89 12.20
CA LEU A 170 9.59 -21.57 13.42
C LEU A 170 10.29 -22.91 13.54
N CYS A 171 10.71 -23.24 14.76
CA CYS A 171 11.32 -24.55 15.01
C CYS A 171 10.28 -25.66 14.96
N ASN A 172 9.05 -25.36 15.40
CA ASN A 172 7.98 -26.32 15.56
C ASN A 172 6.73 -25.48 15.36
N PRO A 173 5.79 -25.90 14.50
CA PRO A 173 4.59 -25.08 14.25
C PRO A 173 3.71 -24.89 15.47
N LYS A 174 3.94 -25.65 16.55
CA LYS A 174 3.16 -25.52 17.78
C LYS A 174 3.87 -24.72 18.86
N ARG A 175 5.13 -24.36 18.66
CA ARG A 175 5.92 -23.66 19.66
C ARG A 175 6.27 -22.25 19.19
N SER A 176 6.88 -21.49 20.09
CA SER A 176 7.27 -20.11 19.83
C SER A 176 8.74 -19.95 19.50
N ALA A 177 9.50 -21.03 19.47
CA ALA A 177 10.93 -20.95 19.17
C ALA A 177 11.14 -20.59 17.71
N ILE A 178 12.05 -19.65 17.45
CA ILE A 178 12.34 -19.18 16.10
C ILE A 178 13.84 -19.07 15.90
N LYS A 179 14.24 -19.03 14.63
CA LYS A 179 15.64 -18.88 14.24
C LYS A 179 15.73 -18.03 13.00
N ILE A 180 16.83 -17.27 12.90
CA ILE A 180 17.12 -16.48 11.72
C ILE A 180 17.74 -17.37 10.65
N VAL A 181 17.28 -17.23 9.41
CA VAL A 181 17.73 -18.06 8.31
C VAL A 181 18.29 -17.18 7.20
N ASP A 182 19.09 -17.80 6.33
CA ASP A 182 19.63 -17.23 5.10
C ASP A 182 20.53 -16.02 5.34
N PHE A 183 21.83 -16.28 5.46
CA PHE A 183 22.84 -15.24 5.51
C PHE A 183 23.52 -15.04 4.15
N GLY A 184 22.80 -15.32 3.07
CA GLY A 184 23.37 -15.22 1.73
C GLY A 184 23.64 -13.82 1.26
N SER A 185 23.05 -12.81 1.93
CA SER A 185 23.32 -11.41 1.63
C SER A 185 24.12 -10.75 2.74
N SER A 186 24.50 -11.49 3.77
CA SER A 186 25.13 -10.92 4.95
C SER A 186 26.58 -10.55 4.69
N CYS A 187 27.11 -9.70 5.56
CA CYS A 187 28.49 -9.25 5.47
C CYS A 187 28.97 -8.85 6.85
N GLN A 188 30.27 -8.84 7.03
CA GLN A 188 30.85 -8.30 8.24
C GLN A 188 30.95 -6.78 8.14
N LEU A 189 31.08 -6.13 9.30
CA LEU A 189 31.07 -4.68 9.34
C LEU A 189 32.18 -4.08 8.48
N GLY A 190 33.35 -4.71 8.47
CA GLY A 190 34.43 -4.19 7.65
C GLY A 190 34.46 -4.65 6.21
N GLN A 191 33.41 -5.32 5.74
CA GLN A 191 33.43 -5.94 4.39
C GLN A 191 32.12 -5.69 3.65
N ARG A 192 31.65 -4.46 3.62
CA ARG A 192 30.37 -4.12 2.96
C ARG A 192 30.63 -3.97 1.46
N ILE A 193 29.85 -4.66 0.62
CA ILE A 193 30.04 -4.65 -0.83
C ILE A 193 28.78 -4.30 -1.61
N TYR A 194 27.60 -4.34 -1.01
CA TYR A 194 26.35 -4.05 -1.72
C TYR A 194 25.72 -2.78 -1.16
N GLN A 195 24.91 -2.12 -1.96
CA GLN A 195 24.23 -0.92 -1.51
C GLN A 195 22.72 -1.01 -1.65
N ILE A 197 20.37 -3.16 -0.64
CA ILE A 197 20.14 -4.29 0.25
C ILE A 197 18.84 -4.14 1.04
N GLN A 198 18.47 -5.22 1.75
CA GLN A 198 17.24 -5.33 2.52
C GLN A 198 16.06 -5.42 1.56
N SER A 199 15.00 -6.13 1.98
CA SER A 199 13.74 -6.07 1.25
C SER A 199 13.08 -4.74 1.53
N ARG A 200 12.39 -4.21 0.52
CA ARG A 200 11.99 -2.80 0.52
C ARG A 200 11.18 -2.43 1.77
N PHE A 201 10.20 -3.26 2.14
CA PHE A 201 9.36 -2.96 3.29
C PHE A 201 10.19 -2.80 4.57
N TYR A 202 11.34 -3.48 4.64
CA TYR A 202 12.16 -3.54 5.84
C TYR A 202 13.49 -2.83 5.67
N ARG A 203 13.59 -1.97 4.66
CA ARG A 203 14.84 -1.28 4.34
C ARG A 203 15.02 -0.07 5.25
N SER A 204 16.23 0.06 5.82
CA SER A 204 16.51 1.14 6.76
C SER A 204 16.63 2.47 6.02
N PRO A 205 16.43 3.58 6.73
CA PRO A 205 16.58 4.90 6.09
C PRO A 205 17.98 5.17 5.58
N GLU A 206 19.01 4.71 6.31
CA GLU A 206 20.38 4.94 5.87
C GLU A 206 20.69 4.24 4.56
N VAL A 207 20.06 3.07 4.32
CA VAL A 207 20.23 2.39 3.04
C VAL A 207 19.46 3.12 1.95
N LEU A 208 18.25 3.58 2.26
CA LEU A 208 17.48 4.36 1.28
C LEU A 208 18.20 5.65 0.91
N LEU A 209 18.89 6.26 1.87
CA LEU A 209 19.58 7.52 1.63
C LEU A 209 20.99 7.34 1.10
N GLY A 210 21.41 6.11 0.81
CA GLY A 210 22.72 5.87 0.23
C GLY A 210 23.87 6.15 1.18
N MET A 211 23.66 6.00 2.47
CA MET A 211 24.69 6.24 3.47
C MET A 211 25.38 4.95 3.87
N PRO A 212 26.60 5.04 4.42
CA PRO A 212 27.22 3.84 4.98
C PRO A 212 26.37 3.28 6.12
N TYR A 213 26.27 1.96 6.15
CA TYR A 213 25.41 1.27 7.10
C TYR A 213 26.23 0.35 8.00
N ASP A 214 25.62 -0.04 9.11
CA ASP A 214 26.25 -0.97 10.05
C ASP A 214 25.18 -1.96 10.50
N LEU A 215 25.40 -2.58 11.66
CA LEU A 215 24.47 -3.59 12.16
C LEU A 215 23.12 -3.00 12.57
N ALA A 216 23.01 -1.68 12.69
CA ALA A 216 21.76 -1.07 13.10
C ALA A 216 20.65 -1.25 12.06
N ILE A 217 20.99 -1.59 10.82
CA ILE A 217 19.94 -1.76 9.81
C ILE A 217 19.10 -2.99 10.11
N ASP A 218 19.67 -4.02 10.75
CA ASP A 218 18.88 -5.18 11.12
C ASP A 218 17.88 -4.85 12.22
N MET A 219 18.26 -3.95 13.12
CA MET A 219 17.35 -3.55 14.19
C MET A 219 16.17 -2.76 13.63
N TRP A 220 16.40 -1.94 12.60
CA TRP A 220 15.30 -1.26 11.93
C TRP A 220 14.35 -2.28 11.32
N SER A 221 14.89 -3.27 10.60
CA SER A 221 14.05 -4.32 10.03
C SER A 221 13.23 -5.02 11.12
N LEU A 222 13.86 -5.27 12.28
CA LEU A 222 13.15 -5.96 13.35
C LEU A 222 11.95 -5.15 13.83
N GLY A 223 12.11 -3.84 14.00
CA GLY A 223 10.99 -3.00 14.39
C GLY A 223 9.83 -3.09 13.41
N CYS A 224 10.12 -3.07 12.11
CA CYS A 224 9.08 -3.24 11.11
C CYS A 224 8.44 -4.62 11.21
N ILE A 225 9.26 -5.65 11.44
CA ILE A 225 8.74 -7.01 11.53
C ILE A 225 7.81 -7.16 12.72
N LEU A 226 8.20 -6.62 13.88
CA LEU A 226 7.40 -6.83 15.09
C LEU A 226 6.03 -6.20 14.98
N VAL A 227 5.94 -5.00 14.39
CA VAL A 227 4.64 -4.37 14.20
C VAL A 227 3.78 -5.19 13.25
N GLU A 228 4.38 -5.66 12.15
CA GLU A 228 3.65 -6.46 11.18
C GLU A 228 3.14 -7.76 11.80
N MET A 229 3.95 -8.37 12.68
CA MET A 229 3.55 -9.61 13.31
C MET A 229 2.27 -9.44 14.14
N HIS A 230 2.12 -8.28 14.79
CA HIS A 230 0.95 -8.05 15.64
C HIS A 230 -0.24 -7.47 14.88
N THR A 231 0.01 -6.64 13.87
CA THR A 231 -1.08 -6.08 13.08
C THR A 231 -1.48 -6.95 11.90
N GLY A 232 -0.59 -7.81 11.43
CA GLY A 232 -0.84 -8.62 10.26
C GLY A 232 -0.50 -7.98 8.94
N GLU A 233 -0.16 -6.69 8.93
CA GLU A 233 0.11 -5.96 7.70
CA GLU A 233 0.14 -6.00 7.68
C GLU A 233 1.45 -5.23 7.82
N PRO A 234 2.18 -5.08 6.71
CA PRO A 234 3.47 -4.38 6.77
C PRO A 234 3.29 -2.95 7.24
N LEU A 235 4.25 -2.49 8.05
CA LEU A 235 4.19 -1.13 8.58
C LEU A 235 4.43 -0.10 7.48
N PHE A 236 5.49 -0.30 6.68
CA PHE A 236 5.85 0.60 5.58
C PHE A 236 5.84 -0.24 4.29
N SER A 237 4.71 -0.26 3.60
CA SER A 237 4.56 -1.08 2.40
C SER A 237 4.72 -0.23 1.15
N GLY A 238 5.96 0.23 0.93
CA GLY A 238 6.24 1.04 -0.24
C GLY A 238 6.42 0.19 -1.48
N ALA A 239 5.85 0.67 -2.59
CA ALA A 239 5.98 -0.02 -3.87
C ALA A 239 7.29 0.30 -4.57
N ASN A 240 7.94 1.40 -4.20
CA ASN A 240 9.25 1.77 -4.72
C ASN A 240 9.98 2.56 -3.66
N GLU A 241 11.20 3.00 -3.98
CA GLU A 241 12.05 3.62 -2.96
C GLU A 241 11.47 4.96 -2.52
N VAL A 242 10.96 5.76 -3.45
CA VAL A 242 10.36 7.04 -3.08
C VAL A 242 9.10 6.81 -2.25
N ASP A 243 8.25 5.88 -2.67
CA ASP A 243 7.06 5.55 -1.89
C ASP A 243 7.41 4.99 -0.53
N GLN A 244 8.49 4.23 -0.44
CA GLN A 244 8.90 3.65 0.84
C GLN A 244 9.32 4.74 1.82
N MET A 245 10.15 5.67 1.37
CA MET A 245 10.59 6.76 2.23
C MET A 245 9.41 7.61 2.68
N ASN A 246 8.44 7.83 1.80
CA ASN A 246 7.29 8.66 2.15
C ASN A 246 6.40 7.98 3.17
N LYS A 247 6.23 6.66 3.06
CA LYS A 247 5.44 5.94 4.06
C LYS A 247 6.14 5.93 5.41
N ILE A 248 7.47 5.94 5.42
CA ILE A 248 8.20 6.07 6.67
C ILE A 248 7.98 7.44 7.28
N VAL A 249 8.00 8.48 6.44
CA VAL A 249 7.86 9.85 6.94
C VAL A 249 6.46 10.09 7.49
N GLU A 250 5.46 9.43 6.92
CA GLU A 250 4.09 9.56 7.42
C GLU A 250 4.02 9.23 8.92
N VAL A 251 4.79 8.24 9.36
CA VAL A 251 4.75 7.81 10.75
C VAL A 251 5.79 8.54 11.59
N LEU A 252 7.01 8.67 11.08
CA LEU A 252 8.14 9.11 11.90
C LEU A 252 8.55 10.56 11.65
N GLY A 253 8.03 11.20 10.61
CA GLY A 253 8.36 12.58 10.33
C GLY A 253 9.62 12.74 9.51
N ILE A 254 10.04 14.00 9.37
CA ILE A 254 11.23 14.32 8.58
C ILE A 254 12.48 13.86 9.34
N PRO A 255 13.42 13.18 8.69
CA PRO A 255 14.65 12.77 9.38
C PRO A 255 15.44 13.97 9.86
N PRO A 256 16.30 13.79 10.87
CA PRO A 256 17.06 14.92 11.41
C PRO A 256 17.93 15.57 10.36
N ALA A 257 18.11 16.89 10.50
CA ALA A 257 18.87 17.65 9.50
C ALA A 257 20.32 17.20 9.46
N HIS A 258 20.90 16.84 10.62
CA HIS A 258 22.29 16.41 10.64
C HIS A 258 22.51 15.10 9.91
N ILE A 259 21.45 14.32 9.67
CA ILE A 259 21.54 13.12 8.86
C ILE A 259 21.36 13.42 7.39
N LEU A 260 20.35 14.21 7.04
CA LEU A 260 20.09 14.55 5.66
C LEU A 260 21.22 15.38 5.06
N ASP A 261 21.93 16.15 5.89
CA ASP A 261 23.05 16.94 5.40
C ASP A 261 24.22 16.08 4.95
N GLN A 262 24.28 14.81 5.38
CA GLN A 262 25.34 13.90 5.00
C GLN A 262 24.84 12.73 4.15
N ALA A 263 23.60 12.82 3.68
CA ALA A 263 22.96 11.73 2.91
C ALA A 263 23.19 11.97 1.42
N PRO A 264 23.90 11.10 0.67
CA PRO A 264 24.09 11.34 -0.77
C PRO A 264 22.79 11.37 -1.56
N LYS A 265 21.78 10.61 -1.14
CA LYS A 265 20.50 10.53 -1.85
C LYS A 265 19.40 11.29 -1.13
N ALA A 266 19.77 12.32 -0.35
CA ALA A 266 18.77 13.07 0.40
C ALA A 266 17.79 13.79 -0.51
N ARG A 267 18.30 14.35 -1.60
CA ARG A 267 17.45 15.11 -2.52
C ARG A 267 16.66 14.22 -3.47
N LYS A 268 16.81 12.89 -3.38
CA LYS A 268 15.91 11.99 -4.07
C LYS A 268 14.52 11.99 -3.43
N PHE A 269 14.42 12.36 -2.15
CA PHE A 269 13.16 12.39 -1.44
C PHE A 269 12.82 13.75 -0.84
N PHE A 270 13.81 14.57 -0.49
CA PHE A 270 13.58 15.78 0.28
C PHE A 270 14.15 16.99 -0.45
N GLU A 271 13.83 18.17 0.09
CA GLU A 271 14.33 19.45 -0.39
C GLU A 271 14.82 20.27 0.79
N LYS A 272 15.90 21.01 0.59
CA LYS A 272 16.45 21.88 1.62
C LYS A 272 16.06 23.33 1.31
N LEU A 273 15.13 23.86 2.12
CA LEU A 273 14.70 25.27 1.97
C LEU A 273 15.89 26.16 2.30
N PRO A 274 15.89 27.44 1.88
CA PRO A 274 17.01 28.37 2.18
C PRO A 274 17.33 28.52 3.66
N ASP A 275 16.38 28.23 4.54
CA ASP A 275 16.62 28.35 5.97
C ASP A 275 17.41 27.20 6.54
N GLY A 276 17.78 26.25 5.69
CA GLY A 276 18.50 25.09 6.17
C GLY A 276 17.60 23.95 6.60
N THR A 277 16.30 24.19 6.60
CA THR A 277 15.35 23.19 7.03
C THR A 277 14.95 22.27 5.90
N TRP A 278 14.89 20.97 6.18
CA TRP A 278 14.51 20.01 5.16
C TRP A 278 13.00 19.73 5.08
N ASN A 279 12.49 19.62 3.88
CA ASN A 279 11.08 19.31 3.65
C ASN A 279 10.96 18.21 2.61
N LEU A 280 9.78 17.59 2.56
CA LEU A 280 9.51 16.61 1.51
C LEU A 280 9.34 17.30 0.17
N LYS A 281 9.78 16.62 -0.88
CA LYS A 281 9.59 17.13 -2.27
C LYS A 281 8.09 17.16 -2.53
N LYS A 282 7.57 18.27 -3.06
CA LYS A 282 6.13 18.46 -3.26
C LYS A 282 5.62 17.54 -4.36
N THR A 283 4.49 16.88 -4.09
CA THR A 283 3.86 16.02 -5.08
C THR A 283 3.26 16.87 -6.21
N LYS A 284 2.72 16.19 -7.21
CA LYS A 284 2.30 16.83 -8.46
C LYS A 284 0.82 17.19 -8.45
N ASP A 285 0.51 18.30 -9.12
CA ASP A 285 -0.84 18.72 -9.48
C ASP A 285 -1.89 18.48 -8.39
N GLY A 286 -3.04 17.96 -8.77
CA GLY A 286 -4.11 17.67 -7.84
C GLY A 286 -4.10 16.23 -7.38
N LYS A 287 -2.91 15.73 -7.10
CA LYS A 287 -2.79 14.38 -6.62
C LYS A 287 -2.91 14.37 -5.12
N ARG A 288 -3.52 13.32 -4.59
CA ARG A 288 -3.66 13.22 -3.14
C ARG A 288 -2.29 13.14 -2.49
N GLU A 289 -2.10 13.96 -1.45
CA GLU A 289 -0.82 13.98 -0.74
C GLU A 289 -0.77 12.84 0.28
N TYR A 290 0.44 12.49 0.68
CA TYR A 290 0.62 11.59 1.80
C TYR A 290 0.10 12.27 3.07
N LYS A 291 -0.04 11.48 4.12
CA LYS A 291 -0.33 12.07 5.42
C LYS A 291 0.81 13.00 5.81
N PRO A 292 0.52 14.15 6.42
CA PRO A 292 1.59 15.08 6.81
C PRO A 292 2.62 14.39 7.67
N PRO A 293 3.88 14.82 7.60
CA PRO A 293 4.96 14.10 8.29
C PRO A 293 4.68 13.88 9.77
N GLY A 294 4.76 12.63 10.19
CA GLY A 294 4.59 12.28 11.58
C GLY A 294 3.17 12.22 12.09
N THR A 295 2.17 12.32 11.20
CA THR A 295 0.78 12.32 11.63
C THR A 295 0.12 10.95 11.58
N ARG A 296 0.75 9.96 10.96
CA ARG A 296 0.25 8.57 11.03
C ARG A 296 0.88 7.92 12.25
N LYS A 297 0.28 8.18 13.40
CA LYS A 297 0.87 7.79 14.68
C LYS A 297 0.86 6.28 14.85
N LEU A 298 2.02 5.73 15.23
CA LEU A 298 2.08 4.34 15.63
C LEU A 298 1.15 4.05 16.81
N HIS A 299 0.91 5.07 17.64
CA HIS A 299 -0.06 4.96 18.73
C HIS A 299 -1.42 4.50 18.23
N ASN A 300 -1.81 4.89 17.02
CA ASN A 300 -3.07 4.47 16.46
C ASN A 300 -2.95 3.24 15.58
N ILE A 301 -1.80 3.03 14.93
CA ILE A 301 -1.58 1.81 14.16
C ILE A 301 -1.67 0.59 15.07
N LEU A 302 -1.14 0.70 16.29
CA LEU A 302 -1.19 -0.38 17.26
C LEU A 302 -2.51 -0.45 18.02
N GLY A 303 -3.33 0.61 17.98
CA GLY A 303 -4.56 0.63 18.75
C GLY A 303 -4.28 0.62 20.24
N VAL A 304 -3.39 1.50 20.69
CA VAL A 304 -2.89 1.44 22.06
C VAL A 304 -4.02 1.60 23.06
N GLU A 305 -4.96 2.49 22.78
CA GLU A 305 -6.07 2.76 23.70
C GLU A 305 -7.39 2.17 23.25
N THR A 306 -7.43 1.45 22.12
CA THR A 306 -8.68 0.97 21.56
C THR A 306 -8.69 -0.55 21.39
N GLY A 307 -8.00 -1.26 22.28
CA GLY A 307 -8.03 -2.71 22.24
C GLY A 307 -7.15 -3.35 21.19
N GLY A 308 -6.07 -2.69 20.78
CA GLY A 308 -5.14 -3.27 19.84
C GLY A 308 -5.65 -3.26 18.42
N PRO A 309 -4.92 -3.91 17.51
CA PRO A 309 -5.34 -3.95 16.11
C PRO A 309 -6.72 -4.59 15.96
N GLY A 310 -7.61 -3.89 15.26
CA GLY A 310 -8.97 -4.34 15.11
C GLY A 310 -9.81 -4.33 16.36
N GLY A 311 -9.27 -3.84 17.48
CA GLY A 311 -9.98 -3.88 18.74
C GLY A 311 -10.18 -5.27 19.30
N ARG A 312 -9.41 -6.25 18.83
CA ARG A 312 -9.62 -7.65 19.20
C ARG A 312 -8.97 -8.03 20.52
N ARG A 313 -8.23 -7.12 21.17
CA ARG A 313 -7.41 -7.48 22.31
C ARG A 313 -7.88 -6.86 23.61
N ALA A 314 -9.08 -6.26 23.66
CA ALA A 314 -9.57 -5.67 24.89
C ALA A 314 -9.72 -6.73 25.98
N GLY A 315 -9.11 -6.47 27.13
CA GLY A 315 -9.14 -7.39 28.24
C GLY A 315 -8.19 -8.56 28.17
N GLU A 316 -7.42 -8.67 27.08
CA GLU A 316 -6.49 -9.78 26.94
C GLU A 316 -5.23 -9.51 27.75
N SER A 317 -4.79 -10.52 28.51
CA SER A 317 -3.59 -10.38 29.31
C SER A 317 -2.38 -10.06 28.42
N GLY A 318 -1.49 -9.23 28.94
CA GLY A 318 -0.37 -8.75 28.16
C GLY A 318 -0.72 -7.72 27.10
N HIS A 319 -1.99 -7.31 27.02
CA HIS A 319 -2.45 -6.32 26.05
C HIS A 319 -3.06 -5.10 26.75
N THR A 320 -2.63 -4.84 27.99
CA THR A 320 -3.09 -3.63 28.66
C THR A 320 -2.55 -2.40 27.95
N VAL A 321 -3.14 -1.25 28.25
CA VAL A 321 -2.65 0.01 27.67
C VAL A 321 -1.19 0.21 28.05
N ALA A 322 -0.82 -0.13 29.29
CA ALA A 322 0.58 -0.05 29.70
C ALA A 322 1.46 -0.96 28.85
N ASP A 323 0.95 -2.15 28.50
CA ASP A 323 1.72 -3.05 27.66
C ASP A 323 1.90 -2.48 26.26
N TYR A 324 0.85 -1.88 25.70
CA TYR A 324 0.95 -1.30 24.36
C TYR A 324 1.85 -0.07 24.36
N LEU A 325 1.84 0.70 25.46
CA LEU A 325 2.74 1.85 25.56
C LEU A 325 4.20 1.40 25.62
N LYS A 326 4.48 0.29 26.32
CA LYS A 326 5.84 -0.23 26.35
C LYS A 326 6.26 -0.75 24.97
N PHE A 327 5.36 -1.48 24.30
CA PHE A 327 5.66 -1.97 22.95
C PHE A 327 5.91 -0.82 21.99
N LYS A 328 5.05 0.20 22.03
CA LYS A 328 5.24 1.35 21.16
C LYS A 328 6.57 2.05 21.41
N ASP A 329 6.96 2.15 22.68
CA ASP A 329 8.23 2.80 23.00
C ASP A 329 9.40 2.02 22.43
N LEU A 330 9.39 0.69 22.57
CA LEU A 330 10.48 -0.12 22.05
C LEU A 330 10.56 -0.02 20.53
N ILE A 331 9.41 -0.06 19.86
CA ILE A 331 9.42 0.03 18.40
C ILE A 331 9.98 1.38 17.94
N LEU A 332 9.58 2.46 18.60
CA LEU A 332 10.10 3.77 18.23
C LEU A 332 11.61 3.85 18.45
N ARG A 333 12.12 3.16 19.48
CA ARG A 333 13.56 3.11 19.67
C ARG A 333 14.23 2.27 18.58
N MET A 334 13.55 1.25 18.06
CA MET A 334 14.11 0.49 16.96
C MET A 334 14.00 1.24 15.63
N LEU A 335 13.06 2.17 15.52
CA LEU A 335 12.86 2.94 14.30
C LEU A 335 13.46 4.34 14.40
N ASP A 336 14.46 4.52 15.26
CA ASP A 336 15.21 5.77 15.30
C ASP A 336 15.86 6.03 13.95
N TYR A 337 15.73 7.26 13.46
CA TYR A 337 16.35 7.62 12.18
C TYR A 337 17.87 7.54 12.26
N ASP A 338 18.44 7.90 13.41
CA ASP A 338 19.88 7.92 13.58
C ASP A 338 20.38 6.52 13.90
N PRO A 339 21.20 5.91 13.05
CA PRO A 339 21.72 4.56 13.35
C PRO A 339 22.70 4.53 14.50
N LYS A 340 23.23 5.68 14.94
CA LYS A 340 24.12 5.70 16.08
C LYS A 340 23.38 5.76 17.42
N THR A 341 22.12 6.20 17.42
CA THR A 341 21.32 6.23 18.63
C THR A 341 20.19 5.22 18.62
N ARG A 342 19.91 4.59 17.48
CA ARG A 342 18.95 3.50 17.43
C ARG A 342 19.29 2.46 18.48
N ILE A 343 18.25 1.91 19.13
CA ILE A 343 18.47 1.00 20.24
C ILE A 343 19.25 -0.22 19.76
N GLN A 344 20.18 -0.65 20.59
CA GLN A 344 21.07 -1.77 20.30
C GLN A 344 20.58 -3.03 21.00
N PRO A 345 20.98 -4.21 20.52
CA PRO A 345 20.35 -5.44 21.00
C PRO A 345 20.42 -5.66 22.51
N TYR A 346 21.54 -5.33 23.15
CA TYR A 346 21.64 -5.54 24.59
C TYR A 346 20.61 -4.68 25.34
N TYR A 347 20.45 -3.42 24.92
CA TYR A 347 19.57 -2.51 25.63
C TYR A 347 18.11 -2.68 25.23
N ALA A 348 17.85 -3.21 24.03
CA ALA A 348 16.48 -3.61 23.70
C ALA A 348 16.01 -4.72 24.64
N LEU A 349 16.92 -5.64 24.98
CA LEU A 349 16.57 -6.73 25.88
C LEU A 349 16.31 -6.25 27.31
N GLN A 350 16.86 -5.09 27.69
CA GLN A 350 16.60 -4.52 29.01
C GLN A 350 15.30 -3.72 29.05
N HIS A 351 14.64 -3.51 27.91
CA HIS A 351 13.46 -2.67 27.85
C HIS A 351 12.33 -3.27 28.68
N SER A 352 11.51 -2.40 29.27
CA SER A 352 10.42 -2.85 30.14
C SER A 352 9.34 -3.62 29.40
N PHE A 353 9.37 -3.64 28.06
CA PHE A 353 8.46 -4.49 27.32
C PHE A 353 8.68 -5.96 27.64
N PHE A 354 9.91 -6.33 28.06
CA PHE A 354 10.28 -7.72 28.29
C PHE A 354 10.18 -8.14 29.74
N LYS A 355 10.75 -7.36 30.66
CA LYS A 355 10.75 -7.71 32.07
C LYS A 355 10.11 -6.62 32.92
N TYR B 11 3.98 35.44 -19.35
CA TYR B 11 3.91 34.86 -20.69
C TYR B 11 2.68 35.37 -21.42
N ASN B 12 1.62 35.64 -20.66
CA ASN B 12 0.39 36.21 -21.19
C ASN B 12 0.26 37.64 -20.67
N ASP B 13 1.10 38.52 -21.22
CA ASP B 13 1.19 39.91 -20.79
C ASP B 13 1.48 40.03 -19.29
N GLY B 14 2.18 39.04 -18.74
CA GLY B 14 2.47 38.99 -17.32
C GLY B 14 1.40 38.33 -16.47
N TYR B 15 0.27 37.95 -17.07
CA TYR B 15 -0.81 37.34 -16.29
C TYR B 15 -0.50 35.87 -15.96
N ASP B 16 -0.04 35.12 -16.95
CA ASP B 16 0.23 33.70 -16.76
C ASP B 16 1.63 33.47 -16.20
N ASP B 17 1.91 32.22 -15.86
CA ASP B 17 3.23 31.77 -15.45
C ASP B 17 3.85 30.95 -16.58
N ASP B 18 4.85 30.12 -16.25
CA ASP B 18 5.53 29.31 -17.25
C ASP B 18 4.77 28.04 -17.61
N ASN B 19 3.55 27.86 -17.12
CA ASN B 19 2.81 26.62 -17.33
C ASN B 19 1.35 26.91 -17.67
N TYR B 20 1.11 27.96 -18.47
CA TYR B 20 -0.21 28.34 -18.96
C TYR B 20 -1.22 28.57 -17.85
N ASP B 21 -0.76 28.81 -16.62
CA ASP B 21 -1.62 29.00 -15.47
C ASP B 21 -1.72 30.48 -15.13
N TYR B 22 -2.95 30.95 -14.88
CA TYR B 22 -3.15 32.31 -14.42
C TYR B 22 -2.57 32.47 -13.01
N ILE B 23 -1.74 33.49 -12.84
CA ILE B 23 -1.13 33.76 -11.54
C ILE B 23 -2.20 34.37 -10.63
N VAL B 24 -2.63 33.61 -9.64
CA VAL B 24 -3.72 34.03 -8.76
C VAL B 24 -3.17 35.02 -7.73
N LYS B 25 -3.77 36.21 -7.69
CA LYS B 25 -3.43 37.22 -6.69
C LYS B 25 -4.63 37.40 -5.77
N ASN B 26 -4.42 37.19 -4.48
CA ASN B 26 -5.51 37.29 -3.51
C ASN B 26 -6.03 38.71 -3.42
N GLY B 27 -7.34 38.84 -3.29
CA GLY B 27 -7.98 40.14 -3.22
C GLY B 27 -8.18 40.85 -4.55
N GLU B 28 -7.83 40.21 -5.66
CA GLU B 28 -7.94 40.86 -6.96
C GLU B 28 -9.40 40.98 -7.38
N LYS B 29 -9.68 42.08 -8.06
CA LYS B 29 -11.04 42.35 -8.50
C LYS B 29 -11.16 42.14 -9.99
N TRP B 30 -12.24 41.52 -10.39
CA TRP B 30 -12.48 41.21 -11.80
C TRP B 30 -13.70 41.99 -12.27
N MET B 31 -13.46 43.17 -12.85
CA MET B 31 -14.50 43.97 -13.51
C MET B 31 -15.71 44.19 -12.60
N ASP B 32 -15.42 44.57 -11.36
CA ASP B 32 -16.45 44.91 -10.36
C ASP B 32 -17.36 43.74 -10.02
N ARG B 33 -17.16 42.58 -10.64
CA ARG B 33 -18.05 41.44 -10.45
C ARG B 33 -17.52 40.46 -9.42
N TYR B 34 -16.31 39.96 -9.62
CA TYR B 34 -15.71 38.95 -8.75
C TYR B 34 -14.54 39.54 -7.97
N GLU B 35 -14.46 39.20 -6.70
CA GLU B 35 -13.32 39.51 -5.85
C GLU B 35 -12.64 38.19 -5.47
N ILE B 36 -11.49 37.94 -6.07
CA ILE B 36 -10.78 36.67 -5.86
C ILE B 36 -10.29 36.61 -4.42
N ASP B 37 -10.73 35.57 -3.69
CA ASP B 37 -10.27 35.42 -2.31
C ASP B 37 -8.90 34.73 -2.26
N SER B 38 -8.84 33.47 -2.70
CA SER B 38 -7.60 32.71 -2.61
C SER B 38 -7.71 31.48 -3.49
N LEU B 39 -6.56 30.82 -3.69
CA LEU B 39 -6.52 29.56 -4.46
C LEU B 39 -6.97 28.43 -3.56
N ILE B 40 -7.89 27.61 -4.02
CA ILE B 40 -8.44 26.49 -3.27
C ILE B 40 -8.17 25.15 -3.93
N GLY B 41 -7.48 25.14 -5.08
CA GLY B 41 -7.18 23.89 -5.75
C GLY B 41 -6.40 24.07 -7.03
N LYS B 42 -5.50 23.14 -7.33
CA LYS B 42 -4.74 23.17 -8.56
C LYS B 42 -4.66 21.75 -9.12
N GLY B 43 -4.76 21.64 -10.44
CA GLY B 43 -4.72 20.37 -11.11
C GLY B 43 -4.13 20.48 -12.50
N SER B 44 -4.20 19.38 -13.27
CA SER B 44 -3.67 19.42 -14.63
C SER B 44 -4.47 20.36 -15.52
N PHE B 45 -5.76 20.54 -15.23
CA PHE B 45 -6.61 21.42 -16.02
C PHE B 45 -6.23 22.89 -15.83
N GLY B 46 -5.74 23.24 -14.63
CA GLY B 46 -5.50 24.62 -14.28
C GLY B 46 -5.62 24.84 -12.78
N GLN B 47 -6.44 25.81 -12.38
CA GLN B 47 -6.60 26.12 -10.96
C GLN B 47 -8.07 26.37 -10.64
N VAL B 48 -8.37 26.36 -9.34
CA VAL B 48 -9.69 26.68 -8.82
C VAL B 48 -9.51 27.68 -7.68
N VAL B 49 -10.27 28.76 -7.72
CA VAL B 49 -10.18 29.81 -6.72
C VAL B 49 -11.53 30.00 -6.04
N LYS B 50 -11.48 30.50 -4.81
CA LYS B 50 -12.67 30.98 -4.13
C LYS B 50 -12.82 32.47 -4.41
N ALA B 51 -14.04 32.88 -4.74
CA ALA B 51 -14.28 34.28 -5.09
C ALA B 51 -15.67 34.68 -4.63
N TYR B 52 -15.85 35.98 -4.40
CA TYR B 52 -17.15 36.53 -4.02
C TYR B 52 -17.78 37.17 -5.25
N ASP B 53 -19.00 36.74 -5.57
CA ASP B 53 -19.78 37.32 -6.65
C ASP B 53 -20.60 38.47 -6.06
N ARG B 54 -20.26 39.70 -6.44
CA ARG B 54 -20.95 40.86 -5.89
C ARG B 54 -22.34 41.06 -6.47
N VAL B 55 -22.57 40.59 -7.70
CA VAL B 55 -23.89 40.74 -8.31
C VAL B 55 -24.88 39.78 -7.68
N GLU B 56 -24.47 38.54 -7.44
CA GLU B 56 -25.33 37.58 -6.77
C GLU B 56 -25.22 37.64 -5.25
N GLN B 57 -24.22 38.34 -4.74
CA GLN B 57 -24.01 38.45 -3.31
C GLN B 57 -23.87 37.09 -2.67
N GLU B 58 -22.88 36.34 -3.14
CA GLU B 58 -22.62 34.99 -2.64
C GLU B 58 -21.22 34.58 -3.06
N TRP B 59 -20.66 33.64 -2.31
CA TRP B 59 -19.37 33.07 -2.66
C TRP B 59 -19.52 32.08 -3.82
N VAL B 60 -18.49 32.00 -4.66
CA VAL B 60 -18.48 31.10 -5.81
C VAL B 60 -17.10 30.48 -5.92
N ALA B 61 -17.04 29.36 -6.63
CA ALA B 61 -15.79 28.72 -7.00
C ALA B 61 -15.58 28.91 -8.50
N ILE B 62 -14.43 29.46 -8.86
CA ILE B 62 -14.11 29.77 -10.25
C ILE B 62 -12.98 28.85 -10.69
N LYS B 63 -13.23 28.12 -11.77
CA LYS B 63 -12.27 27.19 -12.36
C LYS B 63 -11.57 27.88 -13.51
N ILE B 64 -10.30 28.20 -13.34
CA ILE B 64 -9.52 28.94 -14.34
C ILE B 64 -8.78 27.90 -15.18
N ILE B 65 -9.30 27.63 -16.37
CA ILE B 65 -8.68 26.66 -17.27
C ILE B 65 -7.35 27.21 -17.77
N LYS B 66 -6.39 26.30 -17.97
CA LYS B 66 -5.07 26.68 -18.47
C LYS B 66 -5.18 27.36 -19.83
N ASN B 67 -4.23 28.25 -20.11
CA ASN B 67 -4.22 28.99 -21.36
C ASN B 67 -3.40 28.21 -22.41
N LYS B 68 -3.94 27.04 -22.76
CA LYS B 68 -3.39 26.21 -23.80
C LYS B 68 -4.55 25.57 -24.56
N LYS B 69 -4.39 25.41 -25.88
CA LYS B 69 -5.48 24.98 -26.72
C LYS B 69 -6.03 23.62 -26.29
N ALA B 70 -5.15 22.71 -25.87
CA ALA B 70 -5.59 21.37 -25.49
C ALA B 70 -6.49 21.42 -24.27
N PHE B 71 -6.11 22.17 -23.26
CA PHE B 71 -6.93 22.27 -22.06
C PHE B 71 -8.19 23.05 -22.33
N LEU B 72 -8.05 24.12 -23.11
CA LEU B 72 -9.21 24.92 -23.43
C LEU B 72 -10.29 24.09 -24.10
N ASN B 73 -9.91 23.30 -25.12
CA ASN B 73 -10.89 22.54 -25.87
C ASN B 73 -11.59 21.51 -25.00
N GLN B 74 -10.85 20.81 -24.14
CA GLN B 74 -11.47 19.84 -23.25
C GLN B 74 -12.45 20.51 -22.30
N ALA B 75 -12.17 21.76 -21.90
CA ALA B 75 -13.08 22.47 -21.02
C ALA B 75 -14.37 22.86 -21.72
N GLN B 76 -14.33 23.05 -23.05
CA GLN B 76 -15.57 23.32 -23.78
C GLN B 76 -16.51 22.12 -23.74
N ILE B 77 -15.95 20.91 -23.76
CA ILE B 77 -16.78 19.72 -23.60
C ILE B 77 -17.38 19.69 -22.20
N GLU B 78 -16.59 20.05 -21.19
CA GLU B 78 -17.11 20.12 -19.82
C GLU B 78 -18.25 21.13 -19.72
N VAL B 79 -18.12 22.26 -20.41
CA VAL B 79 -19.19 23.27 -20.40
C VAL B 79 -20.44 22.72 -21.05
N ARG B 80 -20.29 22.05 -22.20
CA ARG B 80 -21.45 21.49 -22.89
C ARG B 80 -22.15 20.44 -22.05
N LEU B 81 -21.36 19.57 -21.39
CA LEU B 81 -21.96 18.54 -20.53
C LEU B 81 -22.66 19.16 -19.32
N LEU B 82 -22.01 20.13 -18.67
CA LEU B 82 -22.60 20.76 -17.50
C LEU B 82 -23.89 21.48 -17.85
N GLU B 83 -23.87 22.26 -18.93
CA GLU B 83 -25.09 22.95 -19.37
C GLU B 83 -26.16 21.98 -19.83
N LEU B 84 -25.78 20.77 -20.25
CA LEU B 84 -26.76 19.77 -20.63
C LEU B 84 -27.42 19.16 -19.41
N MET B 85 -26.65 18.94 -18.34
CA MET B 85 -27.21 18.38 -17.11
C MET B 85 -28.11 19.38 -16.40
N ASN B 86 -27.62 20.60 -16.20
CA ASN B 86 -28.37 21.62 -15.46
C ASN B 86 -29.54 22.18 -16.25
N LYS B 87 -29.82 21.66 -17.44
CA LYS B 87 -31.02 22.01 -18.18
C LYS B 87 -32.11 20.94 -18.08
N HIS B 88 -31.72 19.73 -17.72
CA HIS B 88 -32.67 18.66 -17.52
C HIS B 88 -33.40 18.86 -16.23
N ASP B 89 -34.55 19.49 -16.30
CA ASP B 89 -35.31 19.78 -15.10
C ASP B 89 -35.76 18.52 -14.40
N THR B 90 -35.40 18.41 -13.13
CA THR B 90 -35.76 17.25 -12.34
C THR B 90 -35.27 17.54 -10.94
N GLU B 91 -35.72 16.78 -9.97
CA GLU B 91 -35.22 16.98 -8.63
C GLU B 91 -33.84 16.38 -8.58
N MET B 92 -33.57 15.40 -9.44
CA MET B 92 -32.29 14.73 -9.46
C MET B 92 -31.19 15.61 -10.03
N LYS B 93 -31.53 16.74 -10.65
CA LYS B 93 -30.50 17.59 -11.29
C LYS B 93 -29.64 18.24 -10.21
N TYR B 94 -30.16 18.43 -8.99
CA TYR B 94 -29.45 19.17 -7.96
C TYR B 94 -28.51 18.28 -7.14
N TYR B 95 -28.15 17.11 -7.65
CA TYR B 95 -27.08 16.30 -7.09
C TYR B 95 -25.74 16.54 -7.77
N ILE B 96 -25.72 17.40 -8.79
CA ILE B 96 -24.52 17.75 -9.53
C ILE B 96 -24.27 19.23 -9.34
N VAL B 97 -22.99 19.60 -9.19
CA VAL B 97 -22.64 21.01 -9.01
C VAL B 97 -23.21 21.84 -10.15
N HIS B 98 -23.74 23.01 -9.82
CA HIS B 98 -24.37 23.88 -10.79
C HIS B 98 -23.35 24.84 -11.37
N LEU B 99 -23.13 24.76 -12.68
CA LEU B 99 -22.34 25.75 -13.39
C LEU B 99 -23.18 27.00 -13.56
N LYS B 100 -22.80 28.08 -12.87
CA LYS B 100 -23.61 29.29 -12.91
C LYS B 100 -23.40 30.05 -14.21
N ARG B 101 -22.15 30.20 -14.66
CA ARG B 101 -21.85 30.83 -15.93
CA ARG B 101 -21.85 30.84 -15.92
C ARG B 101 -20.40 30.53 -16.28
N HIS B 102 -20.03 30.89 -17.50
CA HIS B 102 -18.66 30.74 -17.98
C HIS B 102 -18.32 31.95 -18.85
N PHE B 103 -17.02 32.27 -18.90
CA PHE B 103 -16.57 33.43 -19.65
C PHE B 103 -15.07 33.33 -19.86
N MET B 104 -14.60 33.98 -20.92
CA MET B 104 -13.17 34.15 -21.13
C MET B 104 -12.69 35.38 -20.36
N PHE B 105 -11.55 35.23 -19.68
CA PHE B 105 -10.97 36.33 -18.91
C PHE B 105 -9.46 36.24 -19.03
N ARG B 106 -8.87 37.17 -19.79
CA ARG B 106 -7.43 37.21 -20.00
C ARG B 106 -6.92 35.88 -20.57
N ASN B 107 -7.58 35.43 -21.65
CA ASN B 107 -7.21 34.21 -22.38
C ASN B 107 -7.34 32.97 -21.51
N HIS B 108 -8.22 33.00 -20.53
CA HIS B 108 -8.49 31.86 -19.65
C HIS B 108 -9.99 31.61 -19.60
N LEU B 109 -10.40 30.41 -20.00
CA LEU B 109 -11.79 30.01 -19.83
C LEU B 109 -12.07 29.83 -18.34
N CYS B 110 -13.06 30.54 -17.83
CA CYS B 110 -13.41 30.51 -16.42
C CYS B 110 -14.79 29.90 -16.24
N LEU B 111 -14.88 28.91 -15.37
CA LEU B 111 -16.14 28.23 -15.05
C LEU B 111 -16.53 28.58 -13.63
N VAL B 112 -17.68 29.25 -13.48
CA VAL B 112 -18.16 29.71 -12.19
C VAL B 112 -19.16 28.70 -11.66
N PHE B 113 -18.90 28.19 -10.45
CA PHE B 113 -19.76 27.21 -9.80
C PHE B 113 -20.26 27.76 -8.48
N GLU B 114 -21.36 27.17 -7.99
CA GLU B 114 -21.83 27.46 -6.65
C GLU B 114 -20.78 27.05 -5.62
N MET B 115 -20.74 27.80 -4.52
CA MET B 115 -19.78 27.52 -3.45
C MET B 115 -20.32 26.40 -2.57
N LEU B 116 -19.57 25.31 -2.48
CA LEU B 116 -19.91 24.18 -1.62
C LEU B 116 -18.91 24.08 -0.48
N SER B 117 -19.23 23.23 0.49
CA SER B 117 -18.34 22.98 1.62
C SER B 117 -17.20 22.05 1.19
N TYR B 118 -16.52 21.45 2.15
CA TYR B 118 -15.35 20.65 1.82
C TYR B 118 -15.76 19.28 1.27
N ASN B 119 -14.79 18.60 0.67
CA ASN B 119 -15.04 17.32 0.03
C ASN B 119 -15.00 16.17 1.03
N LEU B 120 -15.30 14.96 0.57
CA LEU B 120 -15.40 13.77 1.45
C LEU B 120 -14.02 13.35 1.95
N TYR B 121 -12.95 13.69 1.25
CA TYR B 121 -11.63 13.40 1.80
C TYR B 121 -11.31 14.34 2.96
N ASP B 122 -11.72 15.60 2.86
CA ASP B 122 -11.58 16.52 3.98
C ASP B 122 -12.38 16.01 5.19
N LEU B 123 -13.54 15.41 4.94
CA LEU B 123 -14.31 14.83 6.03
C LEU B 123 -13.57 13.66 6.68
N LEU B 124 -12.92 12.82 5.87
CA LEU B 124 -12.15 11.71 6.40
C LEU B 124 -10.97 12.21 7.24
N ARG B 125 -10.30 13.26 6.77
CA ARG B 125 -9.20 13.84 7.54
C ARG B 125 -9.67 14.37 8.88
N ASN B 126 -10.89 14.92 8.93
CA ASN B 126 -11.43 15.45 10.18
C ASN B 126 -11.70 14.35 11.21
N THR B 127 -11.90 13.11 10.76
CA THR B 127 -12.03 11.97 11.66
C THR B 127 -10.69 11.31 11.96
N ASN B 128 -9.58 11.96 11.60
CA ASN B 128 -8.25 11.35 11.68
C ASN B 128 -8.22 10.02 10.93
N PHE B 129 -8.98 9.95 9.83
CA PHE B 129 -9.04 8.77 8.97
C PHE B 129 -9.51 7.54 9.73
N ARG B 130 -10.43 7.74 10.67
CA ARG B 130 -11.10 6.65 11.35
C ARG B 130 -12.42 6.28 10.69
N GLY B 131 -12.84 7.02 9.67
CA GLY B 131 -14.07 6.72 8.96
C GLY B 131 -15.29 7.30 9.63
N VAL B 132 -16.33 7.52 8.82
CA VAL B 132 -17.60 8.02 9.32
C VAL B 132 -18.48 6.83 9.66
N SER B 133 -19.62 7.09 10.29
CA SER B 133 -20.53 6.03 10.69
C SER B 133 -21.14 5.34 9.47
N LEU B 134 -21.62 4.12 9.68
CA LEU B 134 -22.31 3.40 8.61
C LEU B 134 -23.60 4.10 8.20
N ASN B 135 -24.22 4.83 9.12
CA ASN B 135 -25.44 5.56 8.80
C ASN B 135 -25.15 6.72 7.86
N LEU B 136 -24.06 7.46 8.10
CA LEU B 136 -23.67 8.52 7.19
C LEU B 136 -23.21 7.96 5.85
N THR B 137 -22.51 6.81 5.89
CA THR B 137 -22.12 6.14 4.64
C THR B 137 -23.34 5.77 3.82
N ARG B 138 -24.42 5.33 4.49
CA ARG B 138 -25.65 5.00 3.79
C ARG B 138 -26.25 6.23 3.11
N LYS B 139 -26.23 7.37 3.79
CA LYS B 139 -26.75 8.60 3.20
C LYS B 139 -25.92 9.02 1.99
N PHE B 140 -24.58 8.97 2.11
CA PHE B 140 -23.73 9.28 0.97
C PHE B 140 -23.98 8.32 -0.18
N ALA B 141 -24.18 7.04 0.13
CA ALA B 141 -24.40 6.03 -0.92
C ALA B 141 -25.71 6.27 -1.65
N GLN B 142 -26.78 6.57 -0.91
CA GLN B 142 -28.09 6.75 -1.53
C GLN B 142 -28.09 7.95 -2.47
N GLN B 143 -27.44 9.04 -2.07
CA GLN B 143 -27.36 10.22 -2.93
C GLN B 143 -26.49 9.96 -4.15
N MET B 144 -25.35 9.29 -3.95
CA MET B 144 -24.47 8.97 -5.08
C MET B 144 -25.17 8.08 -6.10
N CYS B 145 -25.90 7.08 -5.63
CA CYS B 145 -26.64 6.21 -6.55
C CYS B 145 -27.73 6.99 -7.29
N THR B 146 -28.41 7.90 -6.59
CA THR B 146 -29.40 8.73 -7.26
C THR B 146 -28.76 9.65 -8.29
N ALA B 147 -27.57 10.18 -7.99
CA ALA B 147 -26.87 11.01 -8.95
C ALA B 147 -26.40 10.20 -10.16
N LEU B 148 -25.91 8.98 -9.92
CA LEU B 148 -25.52 8.12 -11.03
C LEU B 148 -26.73 7.73 -11.87
N LEU B 149 -27.90 7.57 -11.24
CA LEU B 149 -29.12 7.32 -11.99
C LEU B 149 -29.45 8.48 -12.91
N PHE B 150 -29.18 9.71 -12.45
CA PHE B 150 -29.43 10.89 -13.28
C PHE B 150 -28.46 10.92 -14.47
N LEU B 151 -27.19 10.56 -14.25
CA LEU B 151 -26.23 10.52 -15.34
C LEU B 151 -26.57 9.44 -16.35
N ALA B 152 -27.22 8.36 -15.91
CA ALA B 152 -27.61 7.25 -16.79
C ALA B 152 -28.85 7.57 -17.61
N THR B 153 -29.36 8.78 -17.54
CA THR B 153 -30.50 9.18 -18.36
C THR B 153 -30.12 9.08 -19.84
N PRO B 154 -31.00 8.51 -20.68
CA PRO B 154 -30.61 8.24 -22.08
C PRO B 154 -30.05 9.45 -22.83
N GLU B 155 -30.75 10.58 -22.82
CA GLU B 155 -30.23 11.77 -23.51
C GLU B 155 -28.95 12.29 -22.87
N LEU B 156 -28.71 11.95 -21.59
CA LEU B 156 -27.46 12.34 -20.93
C LEU B 156 -26.38 11.29 -21.21
N SER B 157 -26.50 10.13 -20.57
CA SER B 157 -25.55 9.03 -20.74
C SER B 157 -24.12 9.50 -20.50
N ILE B 158 -23.92 10.16 -19.36
CA ILE B 158 -22.66 10.81 -19.02
C ILE B 158 -21.86 9.89 -18.12
N ILE B 159 -20.60 9.66 -18.47
CA ILE B 159 -19.64 8.97 -17.63
C ILE B 159 -18.77 10.03 -16.96
N HIS B 160 -18.78 10.07 -15.63
CA HIS B 160 -18.01 11.09 -14.93
C HIS B 160 -16.51 10.89 -15.11
N CYS B 161 -16.06 9.65 -15.09
CA CYS B 161 -14.69 9.23 -15.39
C CYS B 161 -13.66 9.65 -14.35
N ASP B 162 -14.09 10.21 -13.22
CA ASP B 162 -13.13 10.59 -12.19
C ASP B 162 -13.80 10.73 -10.82
N LEU B 163 -14.64 9.76 -10.46
CA LEU B 163 -15.25 9.79 -9.14
C LEU B 163 -14.23 9.43 -8.07
N LYS B 164 -14.20 10.21 -7.00
CA LYS B 164 -13.29 10.00 -5.88
C LYS B 164 -13.79 10.86 -4.73
N PRO B 165 -13.34 10.58 -3.49
CA PRO B 165 -13.80 11.39 -2.35
C PRO B 165 -13.56 12.87 -2.53
N GLU B 166 -12.47 13.26 -3.21
CA GLU B 166 -12.18 14.67 -3.42
C GLU B 166 -13.19 15.34 -4.35
N ASN B 167 -13.88 14.58 -5.20
CA ASN B 167 -14.83 15.14 -6.15
C ASN B 167 -16.28 15.00 -5.70
N ILE B 168 -16.51 14.69 -4.44
CA ILE B 168 -17.85 14.72 -3.85
C ILE B 168 -17.80 15.70 -2.69
N LEU B 169 -18.53 16.81 -2.82
CA LEU B 169 -18.46 17.92 -1.83
C LEU B 169 -19.74 18.07 -1.03
N LEU B 170 -19.59 18.28 0.27
CA LEU B 170 -20.73 18.56 1.14
C LEU B 170 -21.36 19.89 0.77
N CYS B 171 -22.69 19.92 0.77
CA CYS B 171 -23.40 21.19 0.54
C CYS B 171 -23.16 22.14 1.70
N ASN B 172 -23.61 21.75 2.90
CA ASN B 172 -23.35 22.45 4.14
C ASN B 172 -22.48 21.58 5.05
N PRO B 173 -21.62 22.20 5.87
CA PRO B 173 -20.73 21.39 6.72
C PRO B 173 -21.44 20.71 7.89
N LYS B 174 -22.69 21.07 8.16
CA LYS B 174 -23.47 20.47 9.24
C LYS B 174 -24.65 19.66 8.71
N ARG B 175 -24.53 19.13 7.50
CA ARG B 175 -25.60 18.36 6.87
C ARG B 175 -24.99 17.18 6.12
N SER B 176 -25.85 16.34 5.56
CA SER B 176 -25.43 15.15 4.84
C SER B 176 -25.51 15.31 3.32
N ALA B 177 -26.11 16.39 2.82
CA ALA B 177 -26.28 16.56 1.39
C ALA B 177 -24.93 16.72 0.69
N ILE B 178 -24.81 16.11 -0.48
CA ILE B 178 -23.57 16.12 -1.26
C ILE B 178 -23.89 16.49 -2.70
N LYS B 179 -22.83 16.83 -3.44
CA LYS B 179 -22.92 17.14 -4.86
C LYS B 179 -21.63 16.69 -5.53
N ILE B 180 -21.74 16.20 -6.76
CA ILE B 180 -20.58 15.78 -7.54
C ILE B 180 -20.04 16.98 -8.30
N VAL B 181 -18.72 17.12 -8.26
CA VAL B 181 -18.04 18.25 -8.93
C VAL B 181 -17.03 17.72 -9.92
N ASP B 182 -16.50 18.57 -10.78
CA ASP B 182 -15.47 18.24 -11.75
C ASP B 182 -15.80 17.25 -12.84
N PHE B 183 -16.47 17.74 -13.86
CA PHE B 183 -16.70 16.91 -15.05
C PHE B 183 -15.68 17.21 -16.14
N GLY B 184 -14.47 17.63 -15.75
CA GLY B 184 -13.45 18.04 -16.71
C GLY B 184 -12.90 16.91 -17.56
N SER B 185 -13.01 15.67 -17.09
CA SER B 185 -12.61 14.50 -17.88
C SER B 185 -13.80 13.61 -18.22
N SER B 186 -15.02 14.11 -18.05
CA SER B 186 -16.21 13.32 -18.32
C SER B 186 -16.49 13.25 -19.82
N CYS B 187 -17.30 12.26 -20.20
CA CYS B 187 -17.66 12.06 -21.59
C CYS B 187 -19.00 11.36 -21.65
N GLN B 188 -19.61 11.41 -22.83
CA GLN B 188 -20.87 10.72 -23.09
C GLN B 188 -20.59 9.37 -23.75
N LEU B 189 -21.41 8.39 -23.42
CA LEU B 189 -21.31 7.05 -24.09
C LEU B 189 -21.47 7.32 -25.57
N GLY B 190 -20.49 6.96 -26.37
CA GLY B 190 -20.44 7.25 -27.79
C GLY B 190 -19.53 8.40 -28.15
N GLN B 191 -19.00 9.13 -27.16
CA GLN B 191 -18.04 10.19 -27.36
C GLN B 191 -16.76 9.94 -26.57
N ARG B 192 -16.48 8.67 -26.29
CA ARG B 192 -15.29 8.31 -25.52
C ARG B 192 -14.03 8.66 -26.32
N ILE B 193 -13.06 9.28 -25.65
CA ILE B 193 -11.82 9.76 -26.34
C ILE B 193 -10.55 9.33 -25.60
N TYR B 194 -10.61 9.01 -24.31
CA TYR B 194 -9.39 8.69 -23.57
C TYR B 194 -9.40 7.30 -22.97
N GLN B 195 -8.23 6.69 -22.89
CA GLN B 195 -8.13 5.37 -22.26
C GLN B 195 -7.48 5.41 -20.88
N ILE B 197 -7.92 6.78 -17.89
CA ILE B 197 -8.88 7.57 -17.17
C ILE B 197 -9.08 7.12 -15.75
N GLN B 198 -9.73 7.94 -14.95
CA GLN B 198 -10.00 7.67 -13.55
C GLN B 198 -8.77 7.75 -12.64
N SER B 199 -8.91 8.32 -11.46
CA SER B 199 -7.80 8.27 -10.52
C SER B 199 -7.48 6.82 -10.16
N ARG B 200 -6.20 6.54 -9.98
CA ARG B 200 -5.73 5.15 -9.92
C ARG B 200 -6.46 4.35 -8.85
N PHE B 201 -6.61 4.92 -7.65
CA PHE B 201 -7.24 4.20 -6.55
C PHE B 201 -8.65 3.75 -6.91
N TYR B 202 -9.32 4.47 -7.81
CA TYR B 202 -10.72 4.25 -8.13
C TYR B 202 -10.90 3.83 -9.59
N ARG B 203 -9.82 3.39 -10.24
CA ARG B 203 -9.87 2.98 -11.64
C ARG B 203 -10.46 1.59 -11.76
N SER B 204 -11.40 1.43 -12.71
CA SER B 204 -12.10 0.18 -12.92
C SER B 204 -11.21 -0.87 -13.58
N PRO B 205 -11.53 -2.15 -13.40
CA PRO B 205 -10.72 -3.19 -14.08
C PRO B 205 -10.78 -3.10 -15.60
N GLU B 206 -11.93 -2.73 -16.15
CA GLU B 206 -12.04 -2.61 -17.61
C GLU B 206 -11.11 -1.52 -18.15
N VAL B 207 -10.91 -0.44 -17.39
CA VAL B 207 -9.97 0.60 -17.82
C VAL B 207 -8.53 0.15 -17.61
N LEU B 208 -8.26 -0.53 -16.49
CA LEU B 208 -6.93 -1.08 -16.26
C LEU B 208 -6.54 -2.07 -17.36
N LEU B 209 -7.51 -2.85 -17.84
CA LEU B 209 -7.25 -3.86 -18.86
C LEU B 209 -7.30 -3.31 -20.28
N GLY B 210 -7.51 -2.00 -20.45
CA GLY B 210 -7.57 -1.43 -21.78
C GLY B 210 -8.78 -1.85 -22.59
N MET B 211 -9.89 -2.16 -21.94
CA MET B 211 -11.11 -2.61 -22.59
C MET B 211 -12.07 -1.44 -22.77
N PRO B 212 -13.04 -1.57 -23.69
CA PRO B 212 -14.08 -0.56 -23.78
C PRO B 212 -14.85 -0.44 -22.48
N TYR B 213 -15.27 0.78 -22.16
CA TYR B 213 -15.91 1.07 -20.88
C TYR B 213 -17.18 1.86 -21.11
N ASP B 214 -18.11 1.73 -20.15
CA ASP B 214 -19.34 2.51 -20.16
C ASP B 214 -19.56 3.18 -18.80
N LEU B 215 -20.81 3.42 -18.43
CA LEU B 215 -21.10 4.09 -17.18
C LEU B 215 -20.86 3.21 -15.95
N ALA B 216 -20.57 1.92 -16.15
CA ALA B 216 -20.32 1.03 -15.02
C ALA B 216 -19.03 1.37 -14.29
N ILE B 217 -18.11 2.09 -14.93
CA ILE B 217 -16.85 2.43 -14.27
C ILE B 217 -17.08 3.41 -13.13
N ASP B 218 -18.15 4.22 -13.21
CA ASP B 218 -18.47 5.12 -12.11
C ASP B 218 -19.02 4.34 -10.92
N MET B 219 -19.74 3.25 -11.16
CA MET B 219 -20.23 2.43 -10.07
C MET B 219 -19.08 1.72 -9.37
N TRP B 220 -18.07 1.29 -10.13
CA TRP B 220 -16.88 0.70 -9.52
C TRP B 220 -16.20 1.70 -8.59
N SER B 221 -16.02 2.93 -9.05
CA SER B 221 -15.43 3.97 -8.20
C SER B 221 -16.25 4.18 -6.94
N LEU B 222 -17.58 4.19 -7.08
CA LEU B 222 -18.45 4.41 -5.92
C LEU B 222 -18.26 3.32 -4.87
N GLY B 223 -18.19 2.07 -5.31
CA GLY B 223 -17.93 0.98 -4.37
C GLY B 223 -16.63 1.17 -3.61
N CYS B 224 -15.58 1.62 -4.31
CA CYS B 224 -14.31 1.89 -3.64
C CYS B 224 -14.44 3.06 -2.67
N ILE B 225 -15.22 4.08 -3.05
CA ILE B 225 -15.36 5.27 -2.22
C ILE B 225 -16.12 4.94 -0.94
N LEU B 226 -17.19 4.15 -1.05
CA LEU B 226 -18.05 3.88 0.10
C LEU B 226 -17.31 3.10 1.18
N VAL B 227 -16.48 2.14 0.78
CA VAL B 227 -15.68 1.40 1.76
C VAL B 227 -14.69 2.34 2.44
N GLU B 228 -14.03 3.20 1.65
CA GLU B 228 -13.08 4.15 2.21
C GLU B 228 -13.76 5.12 3.17
N MET B 229 -15.01 5.50 2.91
CA MET B 229 -15.70 6.44 3.77
C MET B 229 -15.91 5.86 5.17
N HIS B 230 -16.15 4.56 5.26
CA HIS B 230 -16.39 3.92 6.56
C HIS B 230 -15.10 3.45 7.23
N THR B 231 -14.12 3.01 6.46
CA THR B 231 -12.86 2.54 7.04
C THR B 231 -11.85 3.66 7.24
N GLY B 232 -11.94 4.74 6.46
CA GLY B 232 -11.01 5.84 6.54
C GLY B 232 -9.79 5.70 5.66
N GLU B 233 -9.61 4.57 5.00
CA GLU B 233 -8.44 4.31 4.15
C GLU B 233 -8.90 3.78 2.80
N PRO B 234 -8.14 4.05 1.74
CA PRO B 234 -8.54 3.58 0.40
C PRO B 234 -8.54 2.06 0.33
N LEU B 235 -9.56 1.52 -0.34
CA LEU B 235 -9.69 0.07 -0.45
C LEU B 235 -8.58 -0.52 -1.31
N PHE B 236 -8.30 0.09 -2.45
CA PHE B 236 -7.27 -0.37 -3.39
C PHE B 236 -6.31 0.79 -3.63
N SER B 237 -5.25 0.85 -2.81
CA SER B 237 -4.30 1.97 -2.84
C SER B 237 -3.05 1.58 -3.61
N GLY B 238 -3.21 1.43 -4.92
CA GLY B 238 -2.09 1.04 -5.77
C GLY B 238 -1.23 2.23 -6.14
N ALA B 239 0.09 2.01 -6.12
CA ALA B 239 1.04 3.03 -6.52
C ALA B 239 1.26 3.09 -8.02
N ASN B 240 0.89 2.03 -8.74
CA ASN B 240 0.94 2.01 -10.20
C ASN B 240 -0.13 1.03 -10.69
N GLU B 241 -0.26 0.91 -12.00
CA GLU B 241 -1.35 0.09 -12.57
C GLU B 241 -1.15 -1.39 -12.22
N VAL B 242 0.09 -1.91 -12.22
CA VAL B 242 0.30 -3.29 -11.81
C VAL B 242 -0.01 -3.47 -10.34
N ASP B 243 0.44 -2.54 -9.50
CA ASP B 243 0.10 -2.59 -8.07
C ASP B 243 -1.39 -2.43 -7.85
N GLN B 244 -2.05 -1.62 -8.68
CA GLN B 244 -3.48 -1.41 -8.53
C GLN B 244 -4.26 -2.68 -8.83
N MET B 245 -3.92 -3.35 -9.93
CA MET B 245 -4.62 -4.57 -10.30
C MET B 245 -4.40 -5.67 -9.27
N ASN B 246 -3.20 -5.74 -8.69
CA ASN B 246 -2.90 -6.80 -7.74
C ASN B 246 -3.64 -6.59 -6.42
N LYS B 247 -3.78 -5.34 -5.99
CA LYS B 247 -4.55 -5.08 -4.77
C LYS B 247 -6.02 -5.37 -4.97
N ILE B 248 -6.54 -5.16 -6.18
CA ILE B 248 -7.91 -5.55 -6.48
C ILE B 248 -8.05 -7.07 -6.41
N VAL B 249 -7.07 -7.80 -6.95
CA VAL B 249 -7.12 -9.26 -6.95
C VAL B 249 -7.04 -9.83 -5.53
N GLU B 250 -6.32 -9.13 -4.64
CA GLU B 250 -6.22 -9.58 -3.25
C GLU B 250 -7.60 -9.77 -2.62
N VAL B 251 -8.53 -8.89 -2.94
CA VAL B 251 -9.86 -8.89 -2.33
C VAL B 251 -10.87 -9.65 -3.16
N LEU B 252 -10.84 -9.49 -4.48
CA LEU B 252 -11.89 -10.01 -5.35
C LEU B 252 -11.49 -11.24 -6.15
N GLY B 253 -10.23 -11.65 -6.10
CA GLY B 253 -9.80 -12.83 -6.82
C GLY B 253 -9.45 -12.54 -8.26
N ILE B 254 -9.10 -13.61 -8.97
CA ILE B 254 -8.76 -13.50 -10.40
C ILE B 254 -10.01 -13.10 -11.18
N PRO B 255 -9.92 -12.10 -12.06
CA PRO B 255 -11.07 -11.74 -12.92
C PRO B 255 -11.55 -12.92 -13.75
N PRO B 256 -12.82 -12.93 -14.16
CA PRO B 256 -13.34 -14.07 -14.93
C PRO B 256 -12.59 -14.26 -16.25
N ALA B 257 -12.61 -15.50 -16.75
CA ALA B 257 -11.80 -15.84 -17.91
C ALA B 257 -12.31 -15.15 -19.17
N HIS B 258 -13.64 -15.03 -19.31
CA HIS B 258 -14.19 -14.42 -20.51
C HIS B 258 -13.85 -12.94 -20.61
N ILE B 259 -13.51 -12.28 -19.50
CA ILE B 259 -13.08 -10.90 -19.54
C ILE B 259 -11.61 -10.81 -19.95
N LEU B 260 -10.75 -11.60 -19.29
CA LEU B 260 -9.32 -11.57 -19.61
C LEU B 260 -9.05 -12.07 -21.02
N ASP B 261 -9.89 -12.99 -21.52
CA ASP B 261 -9.72 -13.47 -22.89
C ASP B 261 -9.89 -12.37 -23.92
N GLN B 262 -10.64 -11.32 -23.57
CA GLN B 262 -10.90 -10.21 -24.48
C GLN B 262 -10.18 -8.92 -24.05
N ALA B 263 -9.29 -9.01 -23.06
CA ALA B 263 -8.63 -7.81 -22.54
C ALA B 263 -7.32 -7.58 -23.28
N PRO B 264 -7.15 -6.43 -23.94
CA PRO B 264 -5.88 -6.18 -24.64
C PRO B 264 -4.67 -6.11 -23.72
N LYS B 265 -4.85 -5.58 -22.50
CA LYS B 265 -3.76 -5.44 -21.54
C LYS B 265 -3.76 -6.55 -20.50
N ALA B 266 -4.36 -7.70 -20.81
CA ALA B 266 -4.49 -8.77 -19.83
C ALA B 266 -3.12 -9.29 -19.38
N ARG B 267 -2.16 -9.35 -20.30
CA ARG B 267 -0.85 -9.88 -20.00
C ARG B 267 0.10 -8.84 -19.41
N LYS B 268 -0.37 -7.62 -19.18
CA LYS B 268 0.37 -6.70 -18.34
C LYS B 268 0.31 -7.11 -16.87
N PHE B 269 -0.76 -7.81 -16.49
CA PHE B 269 -0.96 -8.25 -15.12
C PHE B 269 -1.06 -9.77 -14.97
N PHE B 270 -1.57 -10.47 -15.97
CA PHE B 270 -1.92 -11.88 -15.84
C PHE B 270 -1.17 -12.71 -16.89
N GLU B 271 -1.33 -14.02 -16.77
CA GLU B 271 -0.71 -14.94 -17.71
C GLU B 271 -1.50 -16.23 -17.72
N LYS B 272 -1.64 -16.83 -18.89
CA LYS B 272 -2.34 -18.09 -18.99
C LYS B 272 -1.39 -19.23 -18.68
N LEU B 273 -1.72 -20.01 -17.68
CA LEU B 273 -0.92 -21.15 -17.32
C LEU B 273 -1.13 -22.30 -18.30
N PRO B 274 -0.27 -23.31 -18.23
CA PRO B 274 -0.39 -24.43 -19.19
C PRO B 274 -1.72 -25.17 -19.11
N ASP B 275 -2.40 -25.13 -17.96
CA ASP B 275 -3.69 -25.80 -17.84
C ASP B 275 -4.85 -24.99 -18.43
N GLY B 276 -4.55 -23.84 -19.03
CA GLY B 276 -5.57 -23.03 -19.68
C GLY B 276 -6.21 -21.97 -18.81
N THR B 277 -5.89 -21.94 -17.52
CA THR B 277 -6.51 -20.98 -16.61
C THR B 277 -5.66 -19.71 -16.51
N TRP B 278 -6.32 -18.63 -16.16
CA TRP B 278 -5.64 -17.36 -16.04
C TRP B 278 -5.19 -17.19 -14.63
N ASN B 279 -4.00 -16.67 -14.46
CA ASN B 279 -3.52 -16.38 -13.14
C ASN B 279 -2.64 -15.15 -13.22
N LEU B 280 -2.20 -14.67 -12.09
CA LEU B 280 -1.35 -13.51 -12.07
C LEU B 280 -0.01 -13.80 -12.67
N LYS B 281 0.70 -12.77 -13.06
CA LYS B 281 2.01 -12.97 -13.57
C LYS B 281 2.88 -13.29 -12.38
N LYS B 282 4.03 -13.91 -12.61
CA LYS B 282 4.85 -14.37 -11.50
C LYS B 282 5.77 -13.39 -10.83
N THR B 283 5.63 -13.25 -9.53
CA THR B 283 6.54 -12.40 -8.79
C THR B 283 7.92 -12.95 -8.98
N LYS B 284 8.91 -12.10 -8.86
CA LYS B 284 10.27 -12.60 -8.92
C LYS B 284 10.47 -13.68 -7.88
N ASP B 285 11.22 -14.70 -8.24
CA ASP B 285 11.49 -15.77 -7.30
C ASP B 285 12.02 -15.21 -6.00
N GLY B 286 11.50 -15.71 -4.90
CA GLY B 286 11.92 -15.26 -3.59
C GLY B 286 11.26 -13.99 -3.11
N LYS B 287 10.52 -13.28 -3.96
CA LYS B 287 9.81 -12.08 -3.56
C LYS B 287 8.42 -12.43 -3.04
N ARG B 288 7.95 -11.64 -2.08
CA ARG B 288 6.65 -11.89 -1.48
C ARG B 288 5.54 -11.75 -2.51
N GLU B 289 4.58 -12.66 -2.46
CA GLU B 289 3.40 -12.61 -3.30
C GLU B 289 2.32 -11.78 -2.63
N TYR B 290 1.44 -11.20 -3.45
CA TYR B 290 0.22 -10.61 -2.91
C TYR B 290 -0.63 -11.70 -2.28
N LYS B 291 -1.60 -11.28 -1.47
CA LYS B 291 -2.48 -12.24 -0.85
C LYS B 291 -3.15 -13.09 -1.92
N PRO B 292 -3.36 -14.38 -1.67
CA PRO B 292 -3.94 -15.26 -2.69
C PRO B 292 -5.24 -14.69 -3.23
N PRO B 293 -5.49 -14.86 -4.53
CA PRO B 293 -6.65 -14.21 -5.16
C PRO B 293 -7.97 -14.43 -4.44
N GLY B 294 -8.48 -13.38 -3.81
CA GLY B 294 -9.78 -13.41 -3.18
C GLY B 294 -9.81 -13.72 -1.71
N THR B 295 -8.68 -13.63 -1.01
CA THR B 295 -8.64 -13.95 0.41
C THR B 295 -8.61 -12.73 1.32
N ARG B 296 -8.19 -11.56 0.82
CA ARG B 296 -8.31 -10.32 1.60
C ARG B 296 -9.79 -9.95 1.63
N LYS B 297 -10.52 -10.66 2.47
CA LYS B 297 -11.98 -10.58 2.46
C LYS B 297 -12.46 -9.20 2.88
N LEU B 298 -13.43 -8.66 2.14
CA LEU B 298 -14.11 -7.45 2.57
C LEU B 298 -14.78 -7.66 3.93
N HIS B 299 -15.21 -8.90 4.21
CA HIS B 299 -15.82 -9.22 5.50
C HIS B 299 -14.92 -8.82 6.67
N ASN B 300 -13.60 -8.89 6.48
CA ASN B 300 -12.67 -8.53 7.55
C ASN B 300 -12.22 -7.07 7.47
N ILE B 301 -12.11 -6.51 6.27
CA ILE B 301 -11.79 -5.10 6.14
C ILE B 301 -12.85 -4.25 6.83
N LEU B 302 -14.12 -4.62 6.66
CA LEU B 302 -15.21 -3.90 7.29
C LEU B 302 -15.35 -4.24 8.77
N GLY B 303 -14.73 -5.31 9.23
CA GLY B 303 -14.92 -5.77 10.60
C GLY B 303 -16.35 -6.15 10.88
N VAL B 304 -16.93 -6.96 9.98
CA VAL B 304 -18.36 -7.25 10.02
C VAL B 304 -18.76 -7.87 11.36
N GLU B 305 -17.94 -8.80 11.87
CA GLU B 305 -18.27 -9.51 13.10
C GLU B 305 -17.37 -9.11 14.26
N THR B 306 -16.57 -8.05 14.12
CA THR B 306 -15.65 -7.63 15.17
C THR B 306 -15.85 -6.16 15.52
N GLY B 307 -17.07 -5.65 15.37
CA GLY B 307 -17.38 -4.29 15.76
C GLY B 307 -16.94 -3.22 14.79
N GLY B 308 -16.91 -3.52 13.49
CA GLY B 308 -16.57 -2.54 12.50
C GLY B 308 -15.07 -2.32 12.35
N PRO B 309 -14.69 -1.32 11.56
CA PRO B 309 -13.26 -1.04 11.36
C PRO B 309 -12.58 -0.68 12.66
N GLY B 310 -11.55 -1.45 13.02
CA GLY B 310 -10.84 -1.29 14.28
C GLY B 310 -11.67 -1.54 15.51
N GLY B 311 -12.83 -2.19 15.40
CA GLY B 311 -13.67 -2.43 16.56
C GLY B 311 -14.31 -1.20 17.17
N ARG B 312 -14.15 -0.03 16.54
CA ARG B 312 -14.65 1.22 17.11
C ARG B 312 -16.17 1.34 17.03
N ARG B 313 -16.85 0.51 16.25
CA ARG B 313 -18.29 0.59 16.07
C ARG B 313 -19.05 -0.41 16.94
N ALA B 314 -18.36 -1.09 17.86
CA ALA B 314 -19.00 -2.12 18.67
C ALA B 314 -20.08 -1.50 19.56
N GLY B 315 -21.27 -2.08 19.52
CA GLY B 315 -22.40 -1.59 20.30
C GLY B 315 -23.11 -0.40 19.72
N GLU B 316 -22.54 0.26 18.71
CA GLU B 316 -23.17 1.44 18.13
C GLU B 316 -24.45 1.06 17.39
N SER B 317 -25.43 1.95 17.43
CA SER B 317 -26.70 1.71 16.76
C SER B 317 -26.53 1.76 15.25
N GLY B 318 -27.27 0.91 14.55
CA GLY B 318 -27.14 0.80 13.11
C GLY B 318 -25.90 0.07 12.64
N HIS B 319 -25.08 -0.46 13.55
CA HIS B 319 -23.85 -1.15 13.20
C HIS B 319 -23.90 -2.62 13.63
N THR B 320 -25.09 -3.20 13.64
CA THR B 320 -25.22 -4.61 13.97
C THR B 320 -24.53 -5.47 12.91
N VAL B 321 -24.38 -6.76 13.23
CA VAL B 321 -23.82 -7.69 12.26
C VAL B 321 -24.67 -7.69 10.99
N ALA B 322 -26.00 -7.80 11.15
CA ALA B 322 -26.90 -7.82 10.00
C ALA B 322 -26.74 -6.58 9.14
N ASP B 323 -26.51 -5.42 9.78
CA ASP B 323 -26.32 -4.19 9.00
C ASP B 323 -25.05 -4.27 8.16
N TYR B 324 -23.98 -4.86 8.71
CA TYR B 324 -22.72 -4.94 7.97
C TYR B 324 -22.80 -5.92 6.81
N LEU B 325 -23.57 -7.01 6.95
CA LEU B 325 -23.76 -7.92 5.82
C LEU B 325 -24.49 -7.22 4.67
N LYS B 326 -25.46 -6.37 4.99
CA LYS B 326 -26.18 -5.65 3.94
C LYS B 326 -25.26 -4.67 3.21
N PHE B 327 -24.42 -3.96 3.95
CA PHE B 327 -23.47 -3.05 3.32
C PHE B 327 -22.43 -3.82 2.50
N LYS B 328 -21.93 -4.93 3.04
CA LYS B 328 -20.93 -5.71 2.33
C LYS B 328 -21.50 -6.26 1.02
N ASP B 329 -22.76 -6.71 1.04
CA ASP B 329 -23.37 -7.26 -0.16
C ASP B 329 -23.48 -6.21 -1.26
N LEU B 330 -23.89 -4.99 -0.90
CA LEU B 330 -24.05 -3.94 -1.90
C LEU B 330 -22.71 -3.56 -2.53
N ILE B 331 -21.65 -3.51 -1.71
CA ILE B 331 -20.33 -3.16 -2.23
C ILE B 331 -19.85 -4.23 -3.21
N LEU B 332 -20.02 -5.50 -2.86
CA LEU B 332 -19.60 -6.57 -3.76
C LEU B 332 -20.37 -6.53 -5.06
N ARG B 333 -21.63 -6.08 -5.03
CA ARG B 333 -22.36 -5.87 -6.28
C ARG B 333 -21.77 -4.71 -7.07
N MET B 334 -21.26 -3.69 -6.40
CA MET B 334 -20.64 -2.57 -7.07
C MET B 334 -19.25 -2.91 -7.60
N LEU B 335 -18.55 -3.85 -6.96
CA LEU B 335 -17.22 -4.25 -7.37
C LEU B 335 -17.23 -5.51 -8.22
N ASP B 336 -18.32 -5.75 -8.94
CA ASP B 336 -18.38 -6.88 -9.86
C ASP B 336 -17.38 -6.67 -11.00
N TYR B 337 -16.56 -7.68 -11.26
CA TYR B 337 -15.58 -7.60 -12.35
C TYR B 337 -16.26 -7.38 -13.69
N ASP B 338 -17.45 -7.97 -13.88
CA ASP B 338 -18.17 -7.89 -15.15
C ASP B 338 -18.98 -6.60 -15.19
N PRO B 339 -18.65 -5.67 -16.09
CA PRO B 339 -19.43 -4.44 -16.19
C PRO B 339 -20.85 -4.66 -16.69
N LYS B 340 -21.14 -5.80 -17.31
CA LYS B 340 -22.49 -6.07 -17.80
C LYS B 340 -23.41 -6.54 -16.68
N THR B 341 -22.86 -7.15 -15.65
CA THR B 341 -23.64 -7.69 -14.52
C THR B 341 -23.41 -6.84 -13.27
N ARG B 342 -22.49 -5.88 -13.31
CA ARG B 342 -22.29 -4.98 -12.18
C ARG B 342 -23.57 -4.19 -11.90
N ILE B 343 -23.88 -4.03 -10.61
CA ILE B 343 -25.16 -3.45 -10.24
C ILE B 343 -25.26 -2.03 -10.76
N GLN B 344 -26.47 -1.68 -11.19
CA GLN B 344 -26.71 -0.37 -11.78
C GLN B 344 -27.47 0.54 -10.83
N PRO B 345 -27.47 1.85 -11.10
CA PRO B 345 -28.04 2.77 -10.09
C PRO B 345 -29.49 2.53 -9.74
N TYR B 346 -30.34 2.23 -10.74
CA TYR B 346 -31.76 2.01 -10.46
C TYR B 346 -31.96 0.86 -9.49
N TYR B 347 -31.18 -0.21 -9.64
CA TYR B 347 -31.34 -1.39 -8.80
C TYR B 347 -30.50 -1.33 -7.53
N ALA B 348 -29.43 -0.54 -7.51
CA ALA B 348 -28.69 -0.33 -6.27
C ALA B 348 -29.54 0.37 -5.22
N LEU B 349 -30.43 1.27 -5.66
CA LEU B 349 -31.33 1.96 -4.74
C LEU B 349 -32.35 1.01 -4.11
N GLN B 350 -32.65 -0.11 -4.76
CA GLN B 350 -33.58 -1.09 -4.23
C GLN B 350 -32.92 -2.11 -3.30
N HIS B 351 -31.63 -1.96 -3.04
CA HIS B 351 -30.92 -2.90 -2.19
C HIS B 351 -31.41 -2.80 -0.75
N SER B 352 -31.32 -3.93 -0.03
CA SER B 352 -31.79 -3.98 1.35
C SER B 352 -30.98 -3.06 2.27
N PHE B 353 -29.78 -2.66 1.86
CA PHE B 353 -28.99 -1.73 2.66
C PHE B 353 -29.69 -0.38 2.83
N PHE B 354 -30.62 -0.04 1.94
CA PHE B 354 -31.33 1.23 2.00
C PHE B 354 -32.72 1.11 2.63
N LYS B 355 -33.25 -0.10 2.75
CA LYS B 355 -34.59 -0.30 3.31
C LYS B 355 -34.62 0.02 4.80
#